data_7XII
#
_entry.id   7XII
#
_cell.length_a   55.163
_cell.length_b   57.173
_cell.length_c   97.308
_cell.angle_alpha   77.19
_cell.angle_beta   78.32
_cell.angle_gamma   88.49
#
_symmetry.space_group_name_H-M   'P 1'
#
loop_
_entity.id
_entity.type
_entity.pdbx_description
1 polymer 'Polyamine aminopropyltransferase'
2 non-polymer "5'-DEOXY-5'-METHYLTHIOADENOSINE"
3 non-polymer 1-{4-[(3-aminopropyl)amino]butyl}guanidine
4 non-polymer '4-(2-HYDROXYETHYL)-1-PIPERAZINE ETHANESULFONIC ACID'
5 water water
#
_entity_poly.entity_id   1
_entity_poly.type   'polypeptide(L)'
_entity_poly.pdbx_seq_one_letter_code
;MGSSHHHHHHSSGLVPRGSHMRKVPGPITLIEPLSGNTSLLIKINAIHSVKKSPYQEIIIADTEDYGRVLILDDYIQSSY
VDEQYYHESLVHPAMATHPNPRDVLILGGGEGATLREALKHGTVKRAVMVDIDRDVVELSRAYLPQMHQGAFDDPRAKVV
IQDGFVYVEEAIKAGDKYDVIIMDLTDPYSSDIAKQLYTREFFAKIRRILNDDGVVVTQAGNSFYFPAEYDMVLEGVKAN
FPIVAEYEVWIPSFGYAVNFILGSLRYDPHALTPSEVDERLRARGVKTAFYTGRVHLALMNMPIHRKLR
;
_entity_poly.pdbx_strand_id   A,B,C,D
#
loop_
_chem_comp.id
_chem_comp.type
_chem_comp.name
_chem_comp.formula
AG3 non-polymer 1-{4-[(3-aminopropyl)amino]butyl}guanidine 'C8 H21 N5'
EPE non-polymer '4-(2-HYDROXYETHYL)-1-PIPERAZINE ETHANESULFONIC ACID' 'C8 H18 N2 O4 S'
MTA non-polymer 5'-DEOXY-5'-METHYLTHIOADENOSINE 'C11 H15 N5 O3 S'
#
# COMPACT_ATOMS: atom_id res chain seq x y z
N VAL A 24 -45.24 1.84 -9.31
CA VAL A 24 -45.48 2.12 -7.80
C VAL A 24 -45.72 0.84 -6.95
N PRO A 25 -45.25 0.74 -5.66
CA PRO A 25 -45.28 -0.54 -4.93
C PRO A 25 -46.70 -0.96 -4.51
N GLY A 26 -46.97 -2.25 -4.72
CA GLY A 26 -48.24 -2.85 -4.39
C GLY A 26 -48.58 -3.95 -5.42
N PRO A 27 -49.72 -4.64 -5.24
CA PRO A 27 -50.70 -4.29 -4.18
C PRO A 27 -50.35 -4.64 -2.73
N ILE A 28 -49.50 -5.65 -2.53
CA ILE A 28 -49.08 -6.09 -1.21
C ILE A 28 -47.70 -5.50 -0.96
N THR A 29 -47.51 -4.93 0.23
CA THR A 29 -46.41 -4.06 0.52
C THR A 29 -45.91 -4.33 1.94
N LEU A 30 -44.59 -4.27 2.15
CA LEU A 30 -44.03 -4.24 3.49
C LEU A 30 -43.75 -2.76 3.83
N ILE A 31 -44.17 -2.33 5.01
CA ILE A 31 -43.77 -1.03 5.51
C ILE A 31 -42.60 -1.25 6.44
N GLU A 32 -41.38 -0.95 5.96
CA GLU A 32 -40.21 -1.17 6.79
C GLU A 32 -39.89 0.14 7.50
N PRO A 33 -39.89 0.19 8.84
CA PRO A 33 -39.55 1.42 9.56
C PRO A 33 -38.09 1.72 9.26
N LEU A 34 -37.79 3.01 9.26
CA LEU A 34 -36.42 3.48 9.12
C LEU A 34 -36.16 4.37 10.34
N SER A 35 -36.61 5.63 10.34
CA SER A 35 -36.20 6.54 11.39
C SER A 35 -37.36 6.89 12.34
N GLY A 36 -38.57 6.41 12.07
CA GLY A 36 -39.72 7.04 12.69
C GLY A 36 -40.28 8.17 11.81
N ASN A 37 -39.41 8.92 11.11
CA ASN A 37 -39.89 10.00 10.24
C ASN A 37 -39.74 9.63 8.75
N THR A 38 -39.14 8.46 8.47
CA THR A 38 -39.01 7.91 7.14
C THR A 38 -39.21 6.40 7.27
N SER A 39 -39.95 5.81 6.35
CA SER A 39 -40.07 4.36 6.22
C SER A 39 -39.94 4.00 4.74
N LEU A 40 -39.66 2.73 4.45
CA LEU A 40 -39.67 2.21 3.08
C LEU A 40 -40.97 1.46 2.82
N LEU A 41 -41.52 1.60 1.61
CA LEU A 41 -42.63 0.80 1.15
C LEU A 41 -42.07 -0.15 0.10
N ILE A 42 -42.18 -1.46 0.34
CA ILE A 42 -41.49 -2.43 -0.51
C ILE A 42 -42.53 -3.44 -0.99
N LYS A 43 -42.65 -3.58 -2.31
CA LYS A 43 -43.56 -4.58 -2.88
C LYS A 43 -43.21 -6.00 -2.42
N ILE A 44 -44.21 -6.76 -1.98
CA ILE A 44 -44.06 -8.17 -1.61
C ILE A 44 -44.74 -9.04 -2.66
N ASN A 45 -44.08 -10.16 -3.06
CA ASN A 45 -44.66 -11.12 -4.01
C ASN A 45 -45.24 -12.33 -3.29
N ALA A 46 -44.65 -12.74 -2.16
CA ALA A 46 -45.07 -13.95 -1.46
C ALA A 46 -44.66 -13.82 0.00
N ILE A 47 -45.36 -14.54 0.88
CA ILE A 47 -45.02 -14.71 2.27
C ILE A 47 -44.78 -16.21 2.47
N HIS A 48 -43.55 -16.59 2.86
CA HIS A 48 -43.20 -17.99 3.05
C HIS A 48 -43.51 -18.45 4.46
N SER A 49 -43.36 -17.57 5.46
CA SER A 49 -43.54 -18.01 6.82
C SER A 49 -43.69 -16.80 7.72
N VAL A 50 -44.61 -16.90 8.67
CA VAL A 50 -44.81 -15.92 9.72
C VAL A 50 -44.74 -16.69 11.04
N LYS A 51 -43.89 -16.25 11.97
CA LYS A 51 -43.77 -16.96 13.23
C LYS A 51 -43.58 -15.92 14.33
N LYS A 52 -44.51 -15.88 15.28
CA LYS A 52 -44.30 -15.15 16.52
C LYS A 52 -43.49 -16.04 17.45
N SER A 53 -42.19 -15.74 17.57
CA SER A 53 -41.31 -16.49 18.45
C SER A 53 -41.40 -15.88 19.84
N PRO A 54 -40.87 -16.52 20.91
CA PRO A 54 -40.83 -15.87 22.22
C PRO A 54 -40.06 -14.55 22.22
N TYR A 55 -39.21 -14.32 21.20
CA TYR A 55 -38.33 -13.15 21.26
C TYR A 55 -38.77 -12.06 20.29
N GLN A 56 -39.35 -12.41 19.15
CA GLN A 56 -39.58 -11.40 18.11
C GLN A 56 -40.53 -11.99 17.06
N GLU A 57 -41.10 -11.10 16.24
CA GLU A 57 -41.90 -11.52 15.09
C GLU A 57 -40.99 -11.75 13.90
N ILE A 58 -41.12 -12.92 13.26
CA ILE A 58 -40.28 -13.33 12.16
C ILE A 58 -41.16 -13.46 10.92
N ILE A 59 -40.73 -12.86 9.79
CA ILE A 59 -41.40 -13.15 8.53
C ILE A 59 -40.33 -13.44 7.51
N ILE A 60 -40.58 -14.43 6.66
CA ILE A 60 -39.75 -14.68 5.51
C ILE A 60 -40.64 -14.45 4.30
N ALA A 61 -40.15 -13.61 3.38
CA ALA A 61 -41.01 -13.13 2.31
C ALA A 61 -40.16 -12.95 1.06
N ASP A 62 -40.82 -12.91 -0.10
CA ASP A 62 -40.17 -12.56 -1.34
C ASP A 62 -40.53 -11.10 -1.65
N THR A 63 -39.52 -10.29 -1.93
CA THR A 63 -39.76 -8.92 -2.36
C THR A 63 -39.39 -8.85 -3.84
N GLU A 64 -40.03 -7.95 -4.58
CA GLU A 64 -39.68 -7.76 -5.98
C GLU A 64 -38.27 -7.20 -6.14
N ASP A 65 -37.90 -6.17 -5.35
CA ASP A 65 -36.63 -5.52 -5.55
C ASP A 65 -35.44 -6.33 -5.00
N TYR A 66 -35.64 -7.05 -3.89
CA TYR A 66 -34.50 -7.56 -3.12
C TYR A 66 -34.52 -9.08 -3.05
N GLY A 67 -35.48 -9.73 -3.74
CA GLY A 67 -35.64 -11.17 -3.63
C GLY A 67 -36.06 -11.55 -2.20
N ARG A 68 -35.67 -12.74 -1.79
CA ARG A 68 -36.11 -13.24 -0.49
C ARG A 68 -35.48 -12.46 0.67
N VAL A 69 -36.27 -12.26 1.74
CA VAL A 69 -35.81 -11.47 2.88
C VAL A 69 -36.17 -12.18 4.18
N LEU A 70 -35.33 -11.95 5.20
CA LEU A 70 -35.73 -12.23 6.57
C LEU A 70 -36.09 -10.88 7.20
N ILE A 71 -37.25 -10.80 7.87
CA ILE A 71 -37.75 -9.62 8.54
C ILE A 71 -37.95 -9.97 10.02
N LEU A 72 -37.40 -9.15 10.91
CA LEU A 72 -37.58 -9.31 12.35
C LEU A 72 -38.16 -8.02 12.92
N ASP A 73 -39.36 -8.13 13.52
CA ASP A 73 -40.10 -6.99 14.02
C ASP A 73 -40.19 -5.89 12.97
N ASP A 74 -40.41 -6.23 11.70
CA ASP A 74 -40.68 -5.24 10.64
C ASP A 74 -39.42 -4.74 9.92
N TYR A 75 -38.22 -5.07 10.43
CA TYR A 75 -36.97 -4.67 9.79
C TYR A 75 -36.34 -5.81 9.00
N ILE A 76 -36.08 -5.58 7.72
CA ILE A 76 -35.32 -6.51 6.89
C ILE A 76 -33.93 -6.69 7.50
N GLN A 77 -33.56 -7.95 7.77
CA GLN A 77 -32.25 -8.25 8.33
C GLN A 77 -31.33 -8.64 7.19
N SER A 78 -31.90 -9.08 6.08
CA SER A 78 -31.04 -9.66 5.06
C SER A 78 -31.86 -9.85 3.79
N SER A 79 -31.29 -9.59 2.63
CA SER A 79 -32.03 -9.87 1.43
C SER A 79 -31.13 -10.64 0.48
N TYR A 80 -31.69 -11.49 -0.39
CA TYR A 80 -30.90 -12.23 -1.37
C TYR A 80 -30.05 -11.30 -2.22
N VAL A 81 -30.61 -10.16 -2.69
CA VAL A 81 -29.84 -9.42 -3.68
C VAL A 81 -28.76 -8.54 -3.04
N ASP A 82 -28.81 -8.22 -1.74
CA ASP A 82 -27.79 -7.30 -1.24
C ASP A 82 -27.12 -7.75 0.07
N GLU A 83 -27.48 -8.93 0.60
CA GLU A 83 -26.94 -9.38 1.87
C GLU A 83 -25.41 -9.51 1.80
N GLN A 84 -24.85 -9.84 0.63
CA GLN A 84 -23.38 -9.98 0.54
C GLN A 84 -22.66 -8.66 0.84
N TYR A 85 -23.28 -7.54 0.48
CA TYR A 85 -22.70 -6.25 0.84
C TYR A 85 -22.59 -6.14 2.36
N TYR A 86 -23.64 -6.55 3.05
CA TYR A 86 -23.66 -6.42 4.50
C TYR A 86 -22.68 -7.41 5.15
N HIS A 87 -22.78 -8.68 4.79
CA HIS A 87 -22.05 -9.71 5.51
C HIS A 87 -20.55 -9.63 5.19
N GLU A 88 -20.19 -9.30 3.96
CA GLU A 88 -18.79 -9.18 3.60
C GLU A 88 -18.17 -7.98 4.30
N SER A 89 -18.92 -6.86 4.39
CA SER A 89 -18.47 -5.67 5.07
C SER A 89 -18.32 -5.87 6.58
N LEU A 90 -19.24 -6.65 7.17
CA LEU A 90 -19.17 -6.92 8.60
C LEU A 90 -17.94 -7.78 8.93
N VAL A 91 -17.69 -8.81 8.12
CA VAL A 91 -16.77 -9.89 8.49
C VAL A 91 -15.34 -9.63 7.98
N HIS A 92 -15.16 -9.32 6.68
CA HIS A 92 -13.82 -9.40 6.08
C HIS A 92 -12.84 -8.34 6.56
N PRO A 93 -13.21 -7.05 6.78
CA PRO A 93 -12.22 -6.10 7.30
C PRO A 93 -11.58 -6.59 8.61
N ALA A 94 -12.38 -7.10 9.56
CA ALA A 94 -11.88 -7.59 10.83
C ALA A 94 -10.98 -8.81 10.64
N MET A 95 -11.48 -9.80 9.88
CA MET A 95 -10.76 -11.05 9.69
C MET A 95 -9.46 -10.82 8.94
N ALA A 96 -9.48 -9.92 7.95
CA ALA A 96 -8.29 -9.63 7.17
C ALA A 96 -7.29 -8.82 8.00
N THR A 97 -7.78 -7.99 8.92
CA THR A 97 -6.88 -7.23 9.79
C THR A 97 -6.09 -8.17 10.70
N HIS A 98 -6.75 -9.20 11.21
CA HIS A 98 -6.10 -10.16 12.09
C HIS A 98 -5.17 -11.02 11.25
N PRO A 99 -3.86 -11.12 11.57
CA PRO A 99 -2.94 -11.93 10.77
C PRO A 99 -3.21 -13.43 10.80
N ASN A 100 -3.95 -13.91 11.82
CA ASN A 100 -4.11 -15.36 11.92
C ASN A 100 -5.35 -15.72 12.73
N PRO A 101 -6.59 -15.43 12.25
CA PRO A 101 -7.79 -15.66 13.07
C PRO A 101 -8.10 -17.16 13.07
N ARG A 102 -8.02 -17.81 14.23
CA ARG A 102 -8.21 -19.25 14.33
C ARG A 102 -9.51 -19.55 15.05
N ASP A 103 -9.85 -18.74 16.07
CA ASP A 103 -11.08 -18.92 16.83
C ASP A 103 -11.95 -17.67 16.69
N VAL A 104 -13.17 -17.88 16.18
CA VAL A 104 -14.09 -16.82 15.87
C VAL A 104 -15.40 -17.01 16.64
N LEU A 105 -15.87 -15.94 17.28
CA LEU A 105 -17.18 -15.96 17.91
C LEU A 105 -18.08 -14.94 17.18
N ILE A 106 -19.31 -15.37 16.86
CA ILE A 106 -20.32 -14.54 16.25
C ILE A 106 -21.49 -14.48 17.20
N LEU A 107 -21.90 -13.27 17.60
CA LEU A 107 -23.13 -13.08 18.37
C LEU A 107 -24.22 -12.61 17.41
N GLY A 108 -25.34 -13.31 17.39
CA GLY A 108 -26.39 -13.03 16.41
C GLY A 108 -26.21 -13.85 15.15
N GLY A 109 -26.44 -13.22 13.99
CA GLY A 109 -26.14 -13.84 12.71
C GLY A 109 -27.04 -15.04 12.41
N GLY A 110 -28.30 -14.97 12.85
CA GLY A 110 -29.25 -16.08 12.82
C GLY A 110 -29.48 -16.70 11.44
N GLU A 111 -29.37 -15.93 10.35
CA GLU A 111 -29.55 -16.55 9.04
C GLU A 111 -28.32 -17.33 8.57
N GLY A 112 -27.16 -17.15 9.21
CA GLY A 112 -26.02 -18.01 8.94
C GLY A 112 -25.04 -17.45 7.92
N ALA A 113 -25.32 -16.24 7.40
CA ALA A 113 -24.48 -15.65 6.35
C ALA A 113 -23.17 -15.10 6.94
N THR A 114 -23.22 -14.61 8.19
CA THR A 114 -22.00 -14.13 8.86
C THR A 114 -21.02 -15.30 9.07
N LEU A 115 -21.59 -16.40 9.59
CA LEU A 115 -20.84 -17.65 9.75
C LEU A 115 -20.25 -18.10 8.41
N ARG A 116 -21.06 -18.10 7.35
CA ARG A 116 -20.62 -18.43 6.00
C ARG A 116 -19.38 -17.62 5.61
N GLU A 117 -19.40 -16.30 5.86
CA GLU A 117 -18.29 -15.46 5.41
C GLU A 117 -17.05 -15.75 6.25
N ALA A 118 -17.23 -15.90 7.57
CA ALA A 118 -16.08 -16.11 8.44
C ALA A 118 -15.39 -17.44 8.14
N LEU A 119 -16.17 -18.50 7.83
CA LEU A 119 -15.63 -19.82 7.56
C LEU A 119 -14.78 -19.82 6.27
N LYS A 120 -14.94 -18.83 5.40
CA LYS A 120 -14.16 -18.79 4.18
C LYS A 120 -12.67 -18.61 4.49
N HIS A 121 -12.32 -18.00 5.63
CA HIS A 121 -10.93 -17.85 6.01
C HIS A 121 -10.33 -19.21 6.39
N GLY A 122 -9.37 -19.66 5.60
CA GLY A 122 -8.78 -20.99 5.74
C GLY A 122 -8.06 -21.13 7.07
N THR A 123 -7.74 -20.00 7.74
CA THR A 123 -7.04 -20.06 9.01
C THR A 123 -7.98 -20.47 10.16
N VAL A 124 -9.30 -20.38 9.95
CA VAL A 124 -10.25 -20.56 11.02
C VAL A 124 -10.33 -22.04 11.38
N LYS A 125 -10.18 -22.37 12.66
CA LYS A 125 -10.27 -23.75 13.11
C LYS A 125 -11.58 -23.97 13.83
N ARG A 126 -12.13 -22.91 14.44
CA ARG A 126 -13.32 -23.04 15.24
C ARG A 126 -14.10 -21.73 15.13
N ALA A 127 -15.38 -21.84 14.76
CA ALA A 127 -16.30 -20.74 14.64
C ALA A 127 -17.55 -21.07 15.44
N VAL A 128 -17.84 -20.24 16.42
CA VAL A 128 -19.04 -20.41 17.22
C VAL A 128 -20.01 -19.28 16.88
N MET A 129 -21.27 -19.65 16.67
CA MET A 129 -22.33 -18.68 16.42
C MET A 129 -23.36 -18.87 17.51
N VAL A 130 -23.72 -17.78 18.18
CA VAL A 130 -24.65 -17.82 19.29
C VAL A 130 -25.81 -16.90 18.94
N ASP A 131 -27.01 -17.44 18.74
CA ASP A 131 -28.21 -16.64 18.52
C ASP A 131 -29.24 -17.01 19.58
N ILE A 132 -30.00 -16.01 20.06
CA ILE A 132 -30.92 -16.25 21.16
C ILE A 132 -32.17 -17.01 20.67
N ASP A 133 -32.42 -17.01 19.34
CA ASP A 133 -33.73 -17.37 18.85
C ASP A 133 -33.65 -18.59 17.92
N ARG A 134 -33.99 -19.76 18.47
CA ARG A 134 -33.95 -21.00 17.70
C ARG A 134 -34.83 -20.90 16.45
N ASP A 135 -35.96 -20.18 16.54
CA ASP A 135 -36.87 -20.10 15.40
C ASP A 135 -36.22 -19.40 14.20
N VAL A 136 -35.35 -18.40 14.46
CA VAL A 136 -34.69 -17.73 13.35
C VAL A 136 -33.77 -18.72 12.65
N VAL A 137 -32.94 -19.44 13.42
CA VAL A 137 -31.98 -20.37 12.85
C VAL A 137 -32.74 -21.41 12.02
N GLU A 138 -33.84 -21.95 12.57
CA GLU A 138 -34.56 -23.05 11.91
C GLU A 138 -35.26 -22.57 10.63
N LEU A 139 -35.90 -21.39 10.70
CA LEU A 139 -36.55 -20.88 9.50
C LEU A 139 -35.53 -20.52 8.42
N SER A 140 -34.33 -20.04 8.83
CA SER A 140 -33.29 -19.78 7.86
C SER A 140 -32.85 -21.09 7.22
N ARG A 141 -32.61 -22.10 8.05
CA ARG A 141 -32.24 -23.41 7.54
C ARG A 141 -33.19 -23.81 6.42
N ALA A 142 -34.51 -23.71 6.69
CA ALA A 142 -35.55 -24.13 5.76
C ALA A 142 -35.73 -23.18 4.56
N TYR A 143 -35.72 -21.84 4.78
CA TYR A 143 -36.22 -20.97 3.72
C TYR A 143 -35.17 -20.04 3.13
N LEU A 144 -33.97 -19.92 3.74
CA LEU A 144 -32.95 -19.03 3.22
C LEU A 144 -31.68 -19.80 2.89
N PRO A 145 -31.71 -20.85 2.02
CA PRO A 145 -30.51 -21.61 1.71
C PRO A 145 -29.39 -20.77 1.11
N GLN A 146 -29.72 -19.70 0.38
CA GLN A 146 -28.65 -18.92 -0.22
C GLN A 146 -27.94 -18.04 0.82
N MET A 147 -28.48 -17.99 2.04
CA MET A 147 -27.81 -17.27 3.10
C MET A 147 -26.74 -18.15 3.75
N HIS A 148 -27.14 -19.28 4.36
CA HIS A 148 -26.19 -20.09 5.12
C HIS A 148 -25.31 -20.89 4.17
N GLN A 149 -25.85 -21.29 3.02
CA GLN A 149 -25.17 -22.17 2.08
C GLN A 149 -24.50 -23.35 2.79
N GLY A 150 -25.13 -23.96 3.80
CA GLY A 150 -24.56 -25.13 4.48
C GLY A 150 -23.58 -24.82 5.62
N ALA A 151 -23.30 -23.52 5.84
CA ALA A 151 -22.43 -23.06 6.93
C ALA A 151 -22.80 -23.68 8.30
N PHE A 152 -24.09 -23.89 8.55
CA PHE A 152 -24.51 -24.39 9.85
C PHE A 152 -23.93 -25.79 10.10
N ASP A 153 -23.61 -26.56 9.05
CA ASP A 153 -23.17 -27.93 9.22
C ASP A 153 -21.67 -28.09 8.94
N ASP A 154 -20.92 -26.98 8.82
CA ASP A 154 -19.49 -27.09 8.63
C ASP A 154 -18.89 -27.68 9.91
N PRO A 155 -18.00 -28.71 9.80
CA PRO A 155 -17.39 -29.31 10.99
C PRO A 155 -16.61 -28.29 11.85
N ARG A 156 -16.20 -27.15 11.27
CA ARG A 156 -15.53 -26.14 12.08
C ARG A 156 -16.53 -25.31 12.88
N ALA A 157 -17.83 -25.41 12.57
CA ALA A 157 -18.82 -24.52 13.16
C ALA A 157 -19.53 -25.18 14.33
N LYS A 158 -19.95 -24.37 15.30
CA LYS A 158 -20.84 -24.79 16.36
C LYS A 158 -21.91 -23.70 16.49
N VAL A 159 -23.17 -24.12 16.44
CA VAL A 159 -24.30 -23.23 16.61
C VAL A 159 -24.88 -23.41 18.01
N VAL A 160 -24.93 -22.33 18.80
CA VAL A 160 -25.45 -22.38 20.15
C VAL A 160 -26.67 -21.47 20.20
N ILE A 161 -27.81 -22.00 20.68
CA ILE A 161 -28.99 -21.19 20.96
C ILE A 161 -28.93 -20.67 22.40
N GLN A 162 -28.69 -19.36 22.57
CA GLN A 162 -28.58 -18.79 23.91
C GLN A 162 -28.48 -17.28 23.74
N ASP A 163 -28.93 -16.53 24.76
CA ASP A 163 -28.62 -15.12 24.91
C ASP A 163 -27.11 -14.93 24.87
N GLY A 164 -26.63 -14.06 23.96
CA GLY A 164 -25.19 -13.82 23.85
C GLY A 164 -24.60 -13.23 25.12
N PHE A 165 -25.41 -12.51 25.89
CA PHE A 165 -24.98 -11.95 27.15
C PHE A 165 -24.58 -13.05 28.15
N VAL A 166 -25.45 -14.07 28.34
CA VAL A 166 -25.18 -15.25 29.15
C VAL A 166 -23.99 -16.02 28.60
N TYR A 167 -23.94 -16.20 27.28
CA TYR A 167 -22.83 -16.95 26.70
C TYR A 167 -21.49 -16.27 27.04
N VAL A 168 -21.45 -14.94 26.97
CA VAL A 168 -20.18 -14.28 27.23
C VAL A 168 -19.80 -14.33 28.71
N GLU A 169 -20.79 -14.23 29.60
CA GLU A 169 -20.55 -14.38 31.04
C GLU A 169 -19.99 -15.76 31.34
N GLU A 170 -20.55 -16.78 30.70
CA GLU A 170 -20.05 -18.14 30.85
C GLU A 170 -18.65 -18.28 30.25
N ALA A 171 -18.36 -17.54 29.16
CA ALA A 171 -17.04 -17.67 28.58
C ALA A 171 -15.98 -17.06 29.51
N ILE A 172 -16.32 -15.95 30.16
CA ILE A 172 -15.40 -15.32 31.09
C ILE A 172 -15.11 -16.26 32.27
N LYS A 173 -16.14 -16.88 32.85
CA LYS A 173 -16.01 -17.86 33.92
C LYS A 173 -15.08 -19.00 33.49
N ALA A 174 -15.25 -19.52 32.27
CA ALA A 174 -14.43 -20.65 31.81
C ALA A 174 -13.05 -20.19 31.34
N GLY A 175 -12.80 -18.88 31.23
CA GLY A 175 -11.56 -18.35 30.64
C GLY A 175 -11.40 -18.64 29.14
N ASP A 176 -12.51 -18.75 28.38
CA ASP A 176 -12.44 -18.89 26.92
C ASP A 176 -11.89 -17.63 26.25
N LYS A 177 -11.16 -17.84 25.14
CA LYS A 177 -10.59 -16.73 24.41
C LYS A 177 -10.84 -16.89 22.90
N TYR A 178 -11.06 -15.75 22.22
CA TYR A 178 -11.25 -15.71 20.77
C TYR A 178 -10.29 -14.73 20.10
N ASP A 179 -9.99 -14.98 18.82
CA ASP A 179 -9.22 -14.05 18.00
C ASP A 179 -10.10 -12.91 17.47
N VAL A 180 -11.30 -13.26 17.00
CA VAL A 180 -12.18 -12.29 16.36
C VAL A 180 -13.58 -12.52 16.88
N ILE A 181 -14.19 -11.44 17.37
CA ILE A 181 -15.59 -11.50 17.77
C ILE A 181 -16.38 -10.57 16.85
N ILE A 182 -17.45 -11.11 16.26
CA ILE A 182 -18.26 -10.41 15.29
C ILE A 182 -19.65 -10.30 15.88
N MET A 183 -20.15 -9.07 16.03
CA MET A 183 -21.49 -8.93 16.56
C MET A 183 -22.45 -8.53 15.43
N ASP A 184 -23.38 -9.44 15.17
CA ASP A 184 -24.34 -9.33 14.11
C ASP A 184 -25.75 -9.39 14.71
N LEU A 185 -26.08 -8.39 15.50
CA LEU A 185 -27.32 -8.36 16.28
C LEU A 185 -28.37 -7.48 15.61
N THR A 186 -29.58 -7.54 16.20
CA THR A 186 -30.62 -6.60 15.84
C THR A 186 -30.17 -5.21 16.30
N ASP A 187 -30.82 -4.16 15.79
CA ASP A 187 -30.28 -2.80 15.89
C ASP A 187 -30.23 -2.26 17.32
N PRO A 188 -29.21 -1.45 17.63
CA PRO A 188 -29.10 -0.85 18.97
C PRO A 188 -30.13 0.26 19.18
N TYR A 189 -30.82 0.70 18.12
CA TYR A 189 -31.77 1.78 18.33
C TYR A 189 -33.19 1.23 18.45
N SER A 190 -33.38 -0.07 18.25
CA SER A 190 -34.75 -0.54 18.19
C SER A 190 -34.97 -1.81 19.01
N SER A 191 -33.89 -2.55 19.34
CA SER A 191 -34.08 -3.94 19.73
C SER A 191 -33.93 -4.13 21.25
N ASP A 192 -35.02 -4.57 21.87
CA ASP A 192 -35.00 -4.84 23.31
C ASP A 192 -34.11 -6.05 23.61
N ILE A 193 -34.20 -7.12 22.79
CA ILE A 193 -33.46 -8.33 23.08
C ILE A 193 -31.95 -8.12 22.97
N ALA A 194 -31.50 -7.11 22.21
CA ALA A 194 -30.05 -7.01 21.99
C ALA A 194 -29.43 -5.92 22.87
N LYS A 195 -30.25 -5.17 23.63
CA LYS A 195 -29.81 -3.92 24.24
C LYS A 195 -28.63 -4.08 25.21
N GLN A 196 -28.57 -5.20 25.94
CA GLN A 196 -27.50 -5.34 26.93
C GLN A 196 -26.16 -5.59 26.23
N LEU A 197 -26.20 -5.97 24.94
CA LEU A 197 -24.96 -6.33 24.27
C LEU A 197 -24.30 -5.10 23.67
N TYR A 198 -24.91 -3.95 23.80
CA TYR A 198 -24.35 -2.77 23.19
C TYR A 198 -23.79 -1.81 24.24
N THR A 199 -23.63 -2.24 25.51
CA THR A 199 -23.26 -1.30 26.56
C THR A 199 -21.75 -1.26 26.72
N ARG A 200 -21.27 -0.19 27.35
CA ARG A 200 -19.88 0.00 27.73
C ARG A 200 -19.37 -1.21 28.53
N GLU A 201 -20.23 -1.72 29.45
CA GLU A 201 -19.93 -2.87 30.29
C GLU A 201 -19.83 -4.13 29.45
N PHE A 202 -20.72 -4.33 28.48
CA PHE A 202 -20.59 -5.49 27.61
C PHE A 202 -19.26 -5.47 26.85
N PHE A 203 -18.81 -4.29 26.40
CA PHE A 203 -17.59 -4.29 25.60
C PHE A 203 -16.39 -4.60 26.48
N ALA A 204 -16.49 -4.29 27.78
CA ALA A 204 -15.44 -4.64 28.73
C ALA A 204 -15.40 -6.18 28.91
N LYS A 205 -16.55 -6.81 28.81
CA LYS A 205 -16.62 -8.25 28.87
C LYS A 205 -16.07 -8.89 27.60
N ILE A 206 -16.38 -8.29 26.46
CA ILE A 206 -15.88 -8.77 25.19
C ILE A 206 -14.35 -8.77 25.23
N ARG A 207 -13.76 -7.69 25.72
CA ARG A 207 -12.32 -7.60 25.79
C ARG A 207 -11.76 -8.75 26.66
N ARG A 208 -12.51 -9.20 27.66
CA ARG A 208 -12.00 -10.24 28.54
C ARG A 208 -12.00 -11.60 27.84
N ILE A 209 -12.78 -11.78 26.76
CA ILE A 209 -12.76 -13.06 26.06
C ILE A 209 -12.01 -12.97 24.73
N LEU A 210 -11.21 -11.92 24.54
CA LEU A 210 -10.34 -11.84 23.38
C LEU A 210 -8.91 -12.19 23.77
N ASN A 211 -8.17 -12.81 22.85
CA ASN A 211 -6.71 -12.84 22.96
C ASN A 211 -6.15 -11.41 22.98
N ASP A 212 -4.88 -11.30 23.42
CA ASP A 212 -4.15 -10.06 23.56
C ASP A 212 -4.13 -9.26 22.26
N ASP A 213 -4.18 -9.96 21.13
CA ASP A 213 -4.17 -9.27 19.85
C ASP A 213 -5.53 -9.39 19.12
N GLY A 214 -6.63 -9.58 19.86
CA GLY A 214 -7.93 -9.87 19.26
C GLY A 214 -8.60 -8.66 18.63
N VAL A 215 -9.63 -8.92 17.83
CA VAL A 215 -10.42 -7.83 17.28
C VAL A 215 -11.90 -8.09 17.44
N VAL A 216 -12.66 -7.02 17.66
CA VAL A 216 -14.10 -7.11 17.66
C VAL A 216 -14.65 -6.20 16.56
N VAL A 217 -15.76 -6.62 15.97
CA VAL A 217 -16.45 -5.73 15.05
C VAL A 217 -17.94 -5.90 15.31
N THR A 218 -18.67 -4.78 15.21
CA THR A 218 -20.10 -4.78 15.37
C THR A 218 -20.73 -3.82 14.37
N GLN A 219 -21.97 -4.14 13.95
CA GLN A 219 -22.78 -3.12 13.30
C GLN A 219 -23.33 -2.23 14.42
N ALA A 220 -23.51 -0.92 14.15
CA ALA A 220 -23.86 0.06 15.18
C ALA A 220 -25.03 0.92 14.72
N GLY A 221 -25.94 0.34 13.94
CA GLY A 221 -27.11 1.08 13.47
C GLY A 221 -26.70 2.05 12.35
N ASN A 222 -27.04 3.32 12.55
CA ASN A 222 -26.85 4.31 11.50
C ASN A 222 -26.61 5.66 12.19
N SER A 223 -25.48 6.28 11.88
CA SER A 223 -25.08 7.53 12.51
C SER A 223 -25.85 8.73 11.97
N PHE A 224 -26.50 8.60 10.82
CA PHE A 224 -27.22 9.72 10.20
C PHE A 224 -28.59 9.84 10.89
N TYR A 225 -29.33 8.75 10.98
CA TYR A 225 -30.67 8.77 11.57
C TYR A 225 -30.66 8.55 13.08
N PHE A 226 -29.67 7.81 13.61
CA PHE A 226 -29.67 7.47 15.04
C PHE A 226 -28.30 7.82 15.64
N PRO A 227 -27.90 9.12 15.59
CA PRO A 227 -26.58 9.54 16.05
C PRO A 227 -26.35 9.25 17.54
N ALA A 228 -27.37 9.44 18.39
CA ALA A 228 -27.17 9.25 19.82
C ALA A 228 -26.88 7.78 20.11
N GLU A 229 -27.66 6.86 19.54
CA GLU A 229 -27.43 5.44 19.77
C GLU A 229 -26.11 4.98 19.13
N TYR A 230 -25.76 5.57 17.99
CA TYR A 230 -24.46 5.25 17.38
C TYR A 230 -23.33 5.70 18.31
N ASP A 231 -23.43 6.95 18.78
CA ASP A 231 -22.40 7.52 19.64
C ASP A 231 -22.22 6.70 20.92
N MET A 232 -23.30 6.15 21.47
CA MET A 232 -23.24 5.30 22.65
C MET A 232 -22.42 4.05 22.34
N VAL A 233 -22.67 3.41 21.18
CA VAL A 233 -21.89 2.23 20.82
C VAL A 233 -20.43 2.58 20.66
N LEU A 234 -20.16 3.66 19.92
CA LEU A 234 -18.79 4.10 19.67
C LEU A 234 -18.04 4.35 20.99
N GLU A 235 -18.64 5.12 21.90
CA GLU A 235 -18.02 5.46 23.17
C GLU A 235 -17.73 4.20 23.99
N GLY A 236 -18.64 3.24 23.97
CA GLY A 236 -18.43 1.93 24.56
C GLY A 236 -17.24 1.17 23.97
N VAL A 237 -17.05 1.19 22.64
CA VAL A 237 -15.94 0.49 22.05
C VAL A 237 -14.63 1.23 22.41
N LYS A 238 -14.63 2.55 22.29
CA LYS A 238 -13.45 3.37 22.53
C LYS A 238 -12.98 3.28 23.98
N ALA A 239 -13.91 3.11 24.94
CA ALA A 239 -13.53 2.99 26.33
C ALA A 239 -12.68 1.74 26.54
N ASN A 240 -12.77 0.76 25.63
CA ASN A 240 -12.29 -0.60 25.90
C ASN A 240 -11.21 -1.05 24.90
N PHE A 241 -11.00 -0.32 23.81
CA PHE A 241 -10.09 -0.79 22.77
C PHE A 241 -9.27 0.41 22.34
N PRO A 242 -7.93 0.28 22.23
CA PRO A 242 -7.11 1.43 21.86
C PRO A 242 -7.18 1.78 20.35
N ILE A 243 -7.55 0.82 19.48
CA ILE A 243 -7.67 1.09 18.06
C ILE A 243 -9.13 0.90 17.64
N VAL A 244 -9.72 1.97 17.05
CA VAL A 244 -11.12 1.90 16.67
C VAL A 244 -11.28 2.44 15.25
N ALA A 245 -11.83 1.64 14.34
CA ALA A 245 -12.11 2.12 12.99
C ALA A 245 -13.64 2.13 12.76
N GLU A 246 -14.11 3.19 12.08
CA GLU A 246 -15.52 3.36 11.78
C GLU A 246 -15.71 3.38 10.26
N TYR A 247 -16.68 2.62 9.73
CA TYR A 247 -16.89 2.62 8.29
C TYR A 247 -18.36 2.30 8.03
N GLU A 248 -18.83 2.65 6.84
CA GLU A 248 -20.24 2.39 6.56
C GLU A 248 -20.39 1.86 5.14
N VAL A 249 -21.51 1.16 4.89
CA VAL A 249 -21.82 0.66 3.56
C VAL A 249 -23.33 0.74 3.37
N TRP A 250 -23.73 1.25 2.19
CA TRP A 250 -25.14 1.37 1.85
C TRP A 250 -25.71 -0.03 1.57
N ILE A 251 -26.79 -0.37 2.26
CA ILE A 251 -27.50 -1.63 2.09
C ILE A 251 -28.89 -1.23 1.60
N PRO A 252 -29.15 -1.36 0.28
CA PRO A 252 -30.40 -0.83 -0.29
C PRO A 252 -31.63 -1.32 0.48
N SER A 253 -31.67 -2.61 0.85
CA SER A 253 -32.86 -3.16 1.44
C SER A 253 -33.19 -2.59 2.82
N PHE A 254 -32.17 -2.08 3.54
CA PHE A 254 -32.36 -1.44 4.85
C PHE A 254 -32.80 0.02 4.73
N GLY A 255 -32.52 0.68 3.58
CA GLY A 255 -32.83 2.10 3.42
C GLY A 255 -31.68 3.00 3.91
N TYR A 256 -30.52 2.45 4.29
CA TYR A 256 -29.45 3.33 4.77
C TYR A 256 -28.09 2.62 4.74
N ALA A 257 -27.05 3.40 4.99
CA ALA A 257 -25.69 2.92 5.14
C ALA A 257 -25.48 2.41 6.56
N VAL A 258 -25.30 1.10 6.71
CA VAL A 258 -25.05 0.51 8.01
C VAL A 258 -23.68 1.00 8.47
N ASN A 259 -23.60 1.39 9.75
CA ASN A 259 -22.34 1.77 10.35
C ASN A 259 -21.71 0.56 11.02
N PHE A 260 -20.41 0.36 10.82
CA PHE A 260 -19.69 -0.69 11.51
C PHE A 260 -18.62 -0.05 12.37
N ILE A 261 -18.32 -0.68 13.53
CA ILE A 261 -17.25 -0.20 14.40
C ILE A 261 -16.36 -1.39 14.69
N LEU A 262 -15.07 -1.23 14.36
CA LEU A 262 -14.08 -2.26 14.54
C LEU A 262 -13.15 -1.83 15.66
N GLY A 263 -13.04 -2.66 16.70
CA GLY A 263 -12.15 -2.39 17.81
C GLY A 263 -11.01 -3.40 17.80
N SER A 264 -9.79 -2.92 17.98
CA SER A 264 -8.66 -3.81 17.89
C SER A 264 -7.70 -3.55 19.05
N LEU A 265 -7.08 -4.63 19.53
CA LEU A 265 -6.13 -4.58 20.64
C LEU A 265 -4.70 -4.38 20.16
N ARG A 266 -4.37 -4.73 18.90
CA ARG A 266 -3.00 -4.61 18.42
C ARG A 266 -2.92 -4.12 16.96
N TYR A 267 -3.65 -4.75 16.04
CA TYR A 267 -3.46 -4.55 14.61
C TYR A 267 -4.42 -3.49 14.08
N ASP A 268 -3.86 -2.56 13.32
CA ASP A 268 -4.55 -1.39 12.85
C ASP A 268 -5.02 -1.66 11.41
N PRO A 269 -6.35 -1.67 11.16
CA PRO A 269 -6.85 -1.88 9.80
C PRO A 269 -6.45 -0.77 8.83
N HIS A 270 -6.10 0.42 9.37
CA HIS A 270 -5.66 1.53 8.54
C HIS A 270 -4.27 1.30 7.96
N ALA A 271 -3.50 0.38 8.55
CA ALA A 271 -2.11 0.18 8.15
C ALA A 271 -2.02 -0.83 7.01
N LEU A 272 -3.13 -1.45 6.63
CA LEU A 272 -3.12 -2.43 5.54
C LEU A 272 -3.14 -1.74 4.17
N THR A 273 -2.24 -2.10 3.25
CA THR A 273 -2.40 -1.70 1.86
C THR A 273 -3.43 -2.59 1.16
N PRO A 274 -4.02 -2.15 0.02
CA PRO A 274 -4.86 -3.03 -0.80
C PRO A 274 -4.18 -4.36 -1.12
N SER A 275 -2.89 -4.30 -1.42
CA SER A 275 -2.12 -5.47 -1.82
C SER A 275 -1.97 -6.49 -0.67
N GLU A 276 -1.76 -6.02 0.57
CA GLU A 276 -1.73 -6.89 1.74
C GLU A 276 -3.10 -7.53 2.02
N VAL A 277 -4.18 -6.78 1.81
CA VAL A 277 -5.52 -7.32 2.00
C VAL A 277 -5.75 -8.44 0.97
N ASP A 278 -5.43 -8.17 -0.29
CA ASP A 278 -5.61 -9.12 -1.38
C ASP A 278 -4.77 -10.36 -1.15
N GLU A 279 -3.54 -10.16 -0.62
CA GLU A 279 -2.62 -11.26 -0.34
C GLU A 279 -3.22 -12.20 0.72
N ARG A 280 -3.75 -11.63 1.82
CA ARG A 280 -4.36 -12.44 2.85
C ARG A 280 -5.60 -13.19 2.35
N LEU A 281 -6.45 -12.52 1.54
CA LEU A 281 -7.63 -13.17 1.00
C LEU A 281 -7.23 -14.35 0.10
N ARG A 282 -6.23 -14.13 -0.76
CA ARG A 282 -5.73 -15.17 -1.66
C ARG A 282 -5.17 -16.34 -0.84
N ALA A 283 -4.29 -16.04 0.11
CA ALA A 283 -3.61 -17.09 0.86
C ALA A 283 -4.63 -17.92 1.62
N ARG A 284 -5.74 -17.29 2.06
CA ARG A 284 -6.71 -17.98 2.91
C ARG A 284 -7.83 -18.61 2.09
N GLY A 285 -7.78 -18.45 0.75
CA GLY A 285 -8.77 -19.02 -0.16
C GLY A 285 -10.15 -18.35 -0.07
N VAL A 286 -10.20 -17.04 0.25
CA VAL A 286 -11.46 -16.35 0.44
C VAL A 286 -11.91 -15.79 -0.91
N LYS A 287 -13.09 -16.21 -1.38
CA LYS A 287 -13.70 -15.58 -2.54
C LYS A 287 -14.86 -14.70 -2.07
N THR A 288 -14.99 -13.53 -2.70
CA THR A 288 -15.99 -12.55 -2.29
C THR A 288 -16.68 -12.01 -3.54
N ALA A 289 -17.88 -11.45 -3.37
CA ALA A 289 -18.56 -10.74 -4.44
C ALA A 289 -18.24 -9.24 -4.37
N PHE A 290 -17.67 -8.75 -3.25
CA PHE A 290 -17.58 -7.31 -3.04
C PHE A 290 -16.22 -6.91 -2.46
N TYR A 291 -15.88 -7.41 -1.26
CA TYR A 291 -14.71 -6.95 -0.54
C TYR A 291 -13.43 -7.32 -1.28
N THR A 292 -12.55 -6.31 -1.46
CA THR A 292 -11.21 -6.47 -2.01
C THR A 292 -10.30 -5.51 -1.24
N GLY A 293 -9.01 -5.46 -1.59
CA GLY A 293 -8.09 -4.53 -0.96
C GLY A 293 -8.47 -3.08 -1.21
N ARG A 294 -8.97 -2.80 -2.43
CA ARG A 294 -9.37 -1.44 -2.75
C ARG A 294 -10.63 -1.03 -1.99
N VAL A 295 -11.55 -1.98 -1.78
CA VAL A 295 -12.73 -1.69 -0.96
C VAL A 295 -12.30 -1.39 0.48
N HIS A 296 -11.33 -2.14 0.98
CA HIS A 296 -10.81 -1.90 2.31
C HIS A 296 -10.25 -0.48 2.42
N LEU A 297 -9.46 -0.06 1.43
CA LEU A 297 -8.90 1.27 1.42
C LEU A 297 -10.03 2.30 1.41
N ALA A 298 -11.05 2.12 0.58
CA ALA A 298 -12.17 3.06 0.57
C ALA A 298 -12.90 3.08 1.93
N LEU A 299 -13.15 1.92 2.55
CA LEU A 299 -13.82 1.86 3.84
C LEU A 299 -13.06 2.62 4.91
N MET A 300 -11.72 2.54 4.84
CA MET A 300 -10.85 3.18 5.81
C MET A 300 -10.73 4.69 5.53
N ASN A 301 -11.20 5.20 4.40
CA ASN A 301 -10.97 6.62 4.10
C ASN A 301 -12.27 7.43 4.04
N MET A 302 -13.42 6.76 3.92
CA MET A 302 -14.70 7.41 3.73
C MET A 302 -15.27 7.79 5.10
N PRO A 303 -15.49 9.09 5.41
CA PRO A 303 -16.09 9.47 6.70
C PRO A 303 -17.54 9.02 6.72
N ILE A 304 -18.09 8.80 7.94
CA ILE A 304 -19.47 8.33 8.03
C ILE A 304 -20.41 9.54 7.88
N HIS A 305 -21.64 9.27 7.45
CA HIS A 305 -22.63 10.31 7.25
C HIS A 305 -23.22 10.79 8.58
N ARG A 306 -23.45 12.10 8.67
CA ARG A 306 -24.13 12.75 9.77
C ARG A 306 -25.06 13.78 9.12
N LYS A 307 -26.15 14.15 9.79
CA LYS A 307 -26.98 15.25 9.34
C LYS A 307 -26.12 16.50 9.29
N LEU A 308 -26.12 17.22 8.16
CA LEU A 308 -25.17 18.33 8.06
C LEU A 308 -25.79 19.65 8.50
N ARG A 309 -27.11 19.75 8.55
CA ARG A 309 -27.76 20.95 9.09
C ARG A 309 -28.87 20.51 10.08
N ARG B 22 -42.74 6.05 15.06
CA ARG B 22 -43.88 5.81 14.10
C ARG B 22 -43.46 4.76 13.07
N LYS B 23 -44.34 3.78 12.81
CA LYS B 23 -44.07 2.82 11.75
C LYS B 23 -44.42 3.46 10.41
N VAL B 24 -45.54 4.19 10.39
CA VAL B 24 -46.00 4.93 9.22
C VAL B 24 -45.82 6.42 9.52
N PRO B 25 -44.80 7.13 8.95
CA PRO B 25 -44.57 8.56 9.21
C PRO B 25 -45.83 9.30 8.85
N GLY B 26 -46.12 10.40 9.54
CA GLY B 26 -47.39 11.07 9.35
C GLY B 26 -47.63 12.09 10.43
N PRO B 27 -48.82 12.72 10.48
CA PRO B 27 -49.93 12.36 9.57
C PRO B 27 -49.84 12.77 8.09
N ILE B 28 -49.05 13.81 7.78
CA ILE B 28 -48.86 14.25 6.41
C ILE B 28 -47.51 13.70 5.95
N THR B 29 -47.48 13.13 4.74
CA THR B 29 -46.38 12.30 4.31
C THR B 29 -46.13 12.56 2.82
N LEU B 30 -44.87 12.56 2.40
CA LEU B 30 -44.49 12.51 1.01
C LEU B 30 -44.21 11.06 0.62
N ILE B 31 -44.78 10.61 -0.50
CA ILE B 31 -44.42 9.31 -1.04
C ILE B 31 -43.42 9.57 -2.16
N GLU B 32 -42.16 9.31 -1.88
CA GLU B 32 -41.13 9.59 -2.86
C GLU B 32 -40.86 8.30 -3.62
N PRO B 33 -41.03 8.25 -4.95
CA PRO B 33 -40.74 7.03 -5.71
C PRO B 33 -39.24 6.78 -5.63
N LEU B 34 -38.89 5.49 -5.65
CA LEU B 34 -37.50 5.07 -5.66
C LEU B 34 -37.36 4.18 -6.90
N SER B 35 -37.81 2.91 -6.85
CA SER B 35 -37.56 2.01 -7.97
C SER B 35 -38.83 1.67 -8.74
N GLY B 36 -39.99 2.13 -8.29
CA GLY B 36 -41.21 1.48 -8.76
C GLY B 36 -41.63 0.30 -7.88
N ASN B 37 -40.67 -0.44 -7.30
CA ASN B 37 -41.03 -1.50 -6.35
C ASN B 37 -40.71 -1.10 -4.89
N THR B 38 -40.04 0.04 -4.71
CA THR B 38 -39.71 0.60 -3.41
C THR B 38 -39.99 2.09 -3.49
N SER B 39 -40.61 2.66 -2.45
CA SER B 39 -40.76 4.11 -2.30
C SER B 39 -40.37 4.48 -0.88
N LEU B 40 -40.11 5.78 -0.63
CA LEU B 40 -39.90 6.31 0.71
C LEU B 40 -41.19 6.99 1.17
N LEU B 41 -41.54 6.81 2.46
CA LEU B 41 -42.58 7.59 3.09
C LEU B 41 -41.87 8.56 4.03
N ILE B 42 -42.08 9.87 3.82
CA ILE B 42 -41.31 10.88 4.52
C ILE B 42 -42.29 11.85 5.15
N LYS B 43 -42.23 12.01 6.47
CA LYS B 43 -43.13 12.93 7.15
C LYS B 43 -42.88 14.37 6.69
N ILE B 44 -43.98 15.10 6.42
CA ILE B 44 -43.92 16.51 6.01
C ILE B 44 -44.47 17.37 7.16
N ASN B 45 -43.78 18.49 7.48
CA ASN B 45 -44.22 19.43 8.51
C ASN B 45 -44.96 20.63 7.92
N ALA B 46 -44.60 21.04 6.68
CA ALA B 46 -45.20 22.22 6.05
C ALA B 46 -45.00 22.12 4.54
N ILE B 47 -45.91 22.70 3.76
CA ILE B 47 -45.76 22.86 2.32
C ILE B 47 -45.73 24.36 2.04
N HIS B 48 -44.61 24.85 1.49
CA HIS B 48 -44.42 26.27 1.25
C HIS B 48 -44.93 26.67 -0.13
N SER B 49 -44.81 25.80 -1.12
CA SER B 49 -45.25 26.20 -2.44
C SER B 49 -45.46 24.97 -3.29
N VAL B 50 -46.55 24.99 -4.08
CA VAL B 50 -46.82 24.01 -5.10
C VAL B 50 -47.02 24.78 -6.40
N LYS B 51 -46.30 24.43 -7.46
CA LYS B 51 -46.37 25.17 -8.70
C LYS B 51 -46.31 24.14 -9.83
N LYS B 52 -47.37 24.10 -10.65
CA LYS B 52 -47.33 23.33 -11.88
C LYS B 52 -46.71 24.23 -12.95
N SER B 53 -45.43 24.00 -13.26
CA SER B 53 -44.73 24.77 -14.27
C SER B 53 -45.02 24.12 -15.63
N PRO B 54 -44.67 24.76 -16.77
CA PRO B 54 -44.83 24.09 -18.06
C PRO B 54 -44.02 22.79 -18.16
N TYR B 55 -43.02 22.60 -17.28
CA TYR B 55 -42.11 21.49 -17.48
C TYR B 55 -42.33 20.40 -16.44
N GLN B 56 -42.74 20.75 -15.22
CA GLN B 56 -42.77 19.76 -14.15
C GLN B 56 -43.55 20.32 -12.97
N GLU B 57 -43.98 19.42 -12.08
CA GLU B 57 -44.59 19.85 -10.83
C GLU B 57 -43.50 20.10 -9.77
N ILE B 58 -43.60 21.25 -9.11
CA ILE B 58 -42.59 21.72 -8.19
C ILE B 58 -43.23 21.86 -6.83
N ILE B 59 -42.59 21.29 -5.79
CA ILE B 59 -43.08 21.54 -4.44
C ILE B 59 -41.87 21.93 -3.61
N ILE B 60 -42.06 22.89 -2.72
CA ILE B 60 -41.09 23.20 -1.70
C ILE B 60 -41.76 22.89 -0.37
N ALA B 61 -41.10 22.09 0.48
CA ALA B 61 -41.74 21.56 1.67
C ALA B 61 -40.69 21.43 2.76
N ASP B 62 -41.15 21.34 4.00
CA ASP B 62 -40.28 21.04 5.13
C ASP B 62 -40.54 19.59 5.53
N THR B 63 -39.47 18.79 5.62
CA THR B 63 -39.59 17.43 6.11
C THR B 63 -38.99 17.39 7.50
N GLU B 64 -39.48 16.49 8.34
CA GLU B 64 -38.90 16.29 9.67
C GLU B 64 -37.44 15.79 9.59
N ASP B 65 -37.15 14.79 8.76
CA ASP B 65 -35.84 14.20 8.75
C ASP B 65 -34.81 15.06 8.01
N TYR B 66 -35.21 15.74 6.94
CA TYR B 66 -34.22 16.28 6.00
C TYR B 66 -34.32 17.81 5.92
N GLY B 67 -35.19 18.42 6.74
CA GLY B 67 -35.40 19.86 6.64
C GLY B 67 -36.07 20.21 5.33
N ARG B 68 -35.78 21.42 4.83
CA ARG B 68 -36.45 21.89 3.63
C ARG B 68 -35.97 21.10 2.40
N VAL B 69 -36.90 20.84 1.47
CA VAL B 69 -36.61 20.10 0.26
C VAL B 69 -37.24 20.78 -0.95
N LEU B 70 -36.58 20.62 -2.09
CA LEU B 70 -37.17 20.91 -3.37
C LEU B 70 -37.52 19.53 -3.97
N ILE B 71 -38.78 19.41 -4.46
CA ILE B 71 -39.33 18.19 -5.02
C ILE B 71 -39.77 18.51 -6.45
N LEU B 72 -39.31 17.70 -7.41
CA LEU B 72 -39.76 17.83 -8.79
C LEU B 72 -40.37 16.50 -9.22
N ASP B 73 -41.65 16.55 -9.62
CA ASP B 73 -42.42 15.38 -9.98
C ASP B 73 -42.26 14.27 -8.94
N ASP B 74 -42.30 14.62 -7.65
CA ASP B 74 -42.37 13.63 -6.57
C ASP B 74 -40.99 13.20 -6.05
N TYR B 75 -39.90 13.58 -6.75
CA TYR B 75 -38.55 13.25 -6.32
C TYR B 75 -37.87 14.42 -5.66
N ILE B 76 -37.38 14.21 -4.43
CA ILE B 76 -36.57 15.20 -3.74
C ILE B 76 -35.29 15.40 -4.56
N GLN B 77 -35.00 16.65 -4.90
CA GLN B 77 -33.83 17.00 -5.67
C GLN B 77 -32.75 17.42 -4.69
N SER B 78 -33.16 17.88 -3.51
CA SER B 78 -32.19 18.52 -2.64
C SER B 78 -32.81 18.66 -1.26
N SER B 79 -32.02 18.41 -0.19
CA SER B 79 -32.60 18.68 1.10
C SER B 79 -31.58 19.48 1.90
N TYR B 80 -32.04 20.30 2.84
CA TYR B 80 -31.12 21.08 3.67
C TYR B 80 -30.11 20.19 4.38
N VAL B 81 -30.54 19.04 4.94
CA VAL B 81 -29.60 18.33 5.80
C VAL B 81 -28.60 17.50 4.98
N ASP B 82 -28.87 17.17 3.70
CA ASP B 82 -27.89 16.29 3.05
C ASP B 82 -27.45 16.77 1.67
N GLU B 83 -27.94 17.92 1.20
CA GLU B 83 -27.61 18.39 -0.14
C GLU B 83 -26.11 18.57 -0.32
N GLN B 84 -25.37 18.94 0.72
CA GLN B 84 -23.92 19.13 0.57
C GLN B 84 -23.21 17.83 0.17
N TYR B 85 -23.73 16.67 0.62
CA TYR B 85 -23.16 15.42 0.19
C TYR B 85 -23.30 15.30 -1.33
N TYR B 86 -24.47 15.66 -1.85
CA TYR B 86 -24.71 15.53 -3.26
C TYR B 86 -23.88 16.54 -4.06
N HIS B 87 -23.95 17.81 -3.67
CA HIS B 87 -23.39 18.85 -4.52
C HIS B 87 -21.87 18.83 -4.44
N GLU B 88 -21.32 18.52 -3.27
CA GLU B 88 -19.86 18.46 -3.14
C GLU B 88 -19.30 17.27 -3.92
N SER B 89 -20.02 16.15 -3.88
CA SER B 89 -19.65 14.95 -4.65
C SER B 89 -19.76 15.17 -6.16
N LEU B 90 -20.77 15.92 -6.62
CA LEU B 90 -20.96 16.16 -8.04
C LEU B 90 -19.84 17.06 -8.57
N VAL B 91 -19.48 18.10 -7.80
CA VAL B 91 -18.67 19.19 -8.30
C VAL B 91 -17.18 18.99 -8.06
N HIS B 92 -16.76 18.71 -6.81
CA HIS B 92 -15.36 18.87 -6.45
C HIS B 92 -14.44 17.82 -7.06
N PRO B 93 -14.78 16.52 -7.20
CA PRO B 93 -13.86 15.59 -7.86
C PRO B 93 -13.43 16.08 -9.25
N ALA B 94 -14.39 16.55 -10.06
CA ALA B 94 -14.12 17.03 -11.42
C ALA B 94 -13.29 18.31 -11.38
N MET B 95 -13.69 19.27 -10.56
CA MET B 95 -13.00 20.55 -10.49
C MET B 95 -11.59 20.39 -9.96
N ALA B 96 -11.41 19.48 -8.97
CA ALA B 96 -10.08 19.25 -8.40
C ALA B 96 -9.20 18.48 -9.39
N THR B 97 -9.81 17.64 -10.21
CA THR B 97 -9.05 16.89 -11.21
C THR B 97 -8.44 17.83 -12.25
N HIS B 98 -9.22 18.84 -12.64
CA HIS B 98 -8.74 19.81 -13.60
C HIS B 98 -7.71 20.70 -12.92
N PRO B 99 -6.48 20.82 -13.45
CA PRO B 99 -5.46 21.65 -12.81
C PRO B 99 -5.79 23.14 -12.80
N ASN B 100 -6.69 23.59 -13.69
CA ASN B 100 -6.93 25.03 -13.78
C ASN B 100 -8.30 25.32 -14.41
N PRO B 101 -9.43 25.02 -13.73
CA PRO B 101 -10.74 25.24 -14.35
C PRO B 101 -11.07 26.73 -14.29
N ARG B 102 -11.21 27.36 -15.45
CA ARG B 102 -11.47 28.79 -15.53
C ARG B 102 -12.89 29.05 -16.01
N ASP B 103 -13.36 28.21 -16.97
CA ASP B 103 -14.71 28.34 -17.51
C ASP B 103 -15.53 27.08 -17.21
N VAL B 104 -16.65 27.26 -16.53
CA VAL B 104 -17.50 26.17 -16.05
C VAL B 104 -18.92 26.31 -16.64
N LEU B 105 -19.44 25.21 -17.18
CA LEU B 105 -20.84 25.18 -17.61
C LEU B 105 -21.58 24.14 -16.76
N ILE B 106 -22.74 24.54 -16.25
CA ILE B 106 -23.61 23.68 -15.49
C ILE B 106 -24.93 23.56 -16.24
N LEU B 107 -25.34 22.33 -16.57
CA LEU B 107 -26.67 22.11 -17.12
C LEU B 107 -27.56 21.56 -16.01
N GLY B 108 -28.71 22.20 -15.79
CA GLY B 108 -29.57 21.87 -14.67
C GLY B 108 -29.21 22.70 -13.44
N GLY B 109 -29.26 22.07 -12.26
CA GLY B 109 -28.79 22.71 -11.04
C GLY B 109 -29.66 23.91 -10.62
N GLY B 110 -30.97 23.80 -10.88
CA GLY B 110 -31.92 24.88 -10.70
C GLY B 110 -31.96 25.49 -9.30
N GLU B 111 -31.67 24.73 -8.22
CA GLU B 111 -31.63 25.36 -6.90
C GLU B 111 -30.36 26.18 -6.64
N GLY B 112 -29.32 26.03 -7.48
CA GLY B 112 -28.20 26.97 -7.39
C GLY B 112 -27.03 26.45 -6.54
N ALA B 113 -27.17 25.24 -5.96
CA ALA B 113 -26.16 24.69 -5.07
C ALA B 113 -24.93 24.19 -5.86
N THR B 114 -25.14 23.68 -7.07
CA THR B 114 -24.03 23.24 -7.92
C THR B 114 -23.15 24.44 -8.30
N LEU B 115 -23.81 25.52 -8.75
CA LEU B 115 -23.17 26.80 -9.00
C LEU B 115 -22.41 27.28 -7.76
N ARG B 116 -23.04 27.26 -6.59
CA ARG B 116 -22.39 27.63 -5.34
C ARG B 116 -21.08 26.85 -5.12
N GLU B 117 -21.10 25.53 -5.36
CA GLU B 117 -19.89 24.74 -5.12
C GLU B 117 -18.82 25.09 -6.15
N ALA B 118 -19.22 25.22 -7.42
CA ALA B 118 -18.23 25.47 -8.47
C ALA B 118 -17.54 26.83 -8.30
N LEU B 119 -18.31 27.86 -7.86
CA LEU B 119 -17.78 29.21 -7.68
C LEU B 119 -16.76 29.27 -6.55
N LYS B 120 -16.74 28.28 -5.64
CA LYS B 120 -15.77 28.30 -4.56
C LYS B 120 -14.34 28.16 -5.09
N HIS B 121 -14.16 27.54 -6.28
CA HIS B 121 -12.84 27.42 -6.88
C HIS B 121 -12.36 28.79 -7.37
N GLY B 122 -11.30 29.31 -6.72
CA GLY B 122 -10.79 30.64 -6.97
C GLY B 122 -10.28 30.77 -8.42
N THR B 123 -10.00 29.66 -9.10
CA THR B 123 -9.49 29.71 -10.46
C THR B 123 -10.61 30.07 -11.46
N VAL B 124 -11.88 29.92 -11.04
CA VAL B 124 -12.99 30.07 -11.95
C VAL B 124 -13.17 31.56 -12.28
N LYS B 125 -13.24 31.87 -13.58
CA LYS B 125 -13.44 33.25 -13.99
C LYS B 125 -14.87 33.42 -14.47
N ARG B 126 -15.47 32.32 -14.98
CA ARG B 126 -16.79 32.43 -15.57
C ARG B 126 -17.51 31.10 -15.37
N ALA B 127 -18.76 31.19 -14.88
CA ALA B 127 -19.61 30.04 -14.64
C ALA B 127 -20.97 30.34 -15.25
N VAL B 128 -21.42 29.45 -16.13
CA VAL B 128 -22.74 29.58 -16.68
C VAL B 128 -23.59 28.42 -16.17
N MET B 129 -24.81 28.72 -15.74
CA MET B 129 -25.78 27.73 -15.35
C MET B 129 -26.99 27.86 -16.28
N VAL B 130 -27.41 26.73 -16.85
CA VAL B 130 -28.52 26.71 -17.80
C VAL B 130 -29.57 25.74 -17.25
N ASP B 131 -30.75 26.25 -16.89
CA ASP B 131 -31.86 25.40 -16.49
C ASP B 131 -33.06 25.71 -17.36
N ILE B 132 -33.84 24.68 -17.71
CA ILE B 132 -34.97 24.87 -18.64
C ILE B 132 -36.14 25.60 -17.96
N ASP B 133 -36.16 25.62 -16.62
CA ASP B 133 -37.37 25.94 -15.90
C ASP B 133 -37.18 27.15 -14.99
N ARG B 134 -37.64 28.32 -15.47
CA ARG B 134 -37.46 29.53 -14.67
C ARG B 134 -38.17 29.43 -13.32
N ASP B 135 -39.26 28.65 -13.24
CA ASP B 135 -39.98 28.53 -11.96
C ASP B 135 -39.12 27.88 -10.87
N VAL B 136 -38.27 26.93 -11.25
CA VAL B 136 -37.40 26.30 -10.26
C VAL B 136 -36.41 27.33 -9.71
N VAL B 137 -35.76 28.07 -10.63
CA VAL B 137 -34.78 29.06 -10.22
C VAL B 137 -35.44 30.10 -9.30
N GLU B 138 -36.65 30.55 -9.66
CA GLU B 138 -37.31 31.62 -8.90
C GLU B 138 -37.79 31.13 -7.53
N LEU B 139 -38.34 29.91 -7.46
CA LEU B 139 -38.73 29.36 -6.17
C LEU B 139 -37.50 29.14 -5.27
N SER B 140 -36.36 28.76 -5.86
CA SER B 140 -35.13 28.63 -5.09
C SER B 140 -34.70 29.97 -4.54
N ARG B 141 -34.68 30.96 -5.43
CA ARG B 141 -34.34 32.31 -5.02
C ARG B 141 -35.16 32.69 -3.77
N ALA B 142 -36.47 32.46 -3.82
CA ALA B 142 -37.40 32.80 -2.76
C ALA B 142 -37.30 31.90 -1.51
N TYR B 143 -37.17 30.56 -1.68
CA TYR B 143 -37.39 29.69 -0.52
C TYR B 143 -36.16 28.90 -0.06
N LEU B 144 -35.10 28.85 -0.88
CA LEU B 144 -33.97 27.99 -0.57
C LEU B 144 -32.67 28.79 -0.43
N PRO B 145 -32.59 29.78 0.49
CA PRO B 145 -31.37 30.60 0.63
C PRO B 145 -30.14 29.75 0.97
N GLN B 146 -30.31 28.68 1.74
CA GLN B 146 -29.13 27.90 2.13
C GLN B 146 -28.63 27.06 0.96
N MET B 147 -29.40 26.98 -0.12
CA MET B 147 -28.94 26.26 -1.29
C MET B 147 -28.02 27.14 -2.14
N HIS B 148 -28.56 28.25 -2.67
CA HIS B 148 -27.81 29.08 -3.60
C HIS B 148 -26.75 29.87 -2.86
N GLN B 149 -27.05 30.28 -1.62
CA GLN B 149 -26.18 31.16 -0.86
C GLN B 149 -25.65 32.33 -1.70
N GLY B 150 -26.51 32.95 -2.52
CA GLY B 150 -26.11 34.13 -3.28
C GLY B 150 -25.49 33.82 -4.65
N ALA B 151 -25.23 32.54 -4.94
CA ALA B 151 -24.51 32.15 -6.14
C ALA B 151 -25.14 32.72 -7.42
N PHE B 152 -26.47 32.87 -7.46
CA PHE B 152 -27.10 33.34 -8.68
C PHE B 152 -26.62 34.76 -9.04
N ASP B 153 -26.22 35.55 -8.04
CA ASP B 153 -25.88 36.95 -8.27
C ASP B 153 -24.37 37.19 -8.19
N ASP B 154 -23.55 36.12 -8.14
CA ASP B 154 -22.10 36.29 -8.17
C ASP B 154 -21.73 36.90 -9.53
N PRO B 155 -20.90 37.95 -9.56
CA PRO B 155 -20.51 38.58 -10.84
C PRO B 155 -19.81 37.60 -11.80
N ARG B 156 -19.26 36.48 -11.30
CA ARG B 156 -18.68 35.49 -12.19
C ARG B 156 -19.75 34.62 -12.84
N ALA B 157 -20.99 34.66 -12.33
CA ALA B 157 -21.99 33.69 -12.72
C ALA B 157 -22.97 34.30 -13.72
N LYS B 158 -23.51 33.46 -14.62
CA LYS B 158 -24.58 33.85 -15.49
C LYS B 158 -25.63 32.74 -15.48
N VAL B 159 -26.89 33.09 -15.25
CA VAL B 159 -28.00 32.15 -15.25
C VAL B 159 -28.79 32.30 -16.55
N VAL B 160 -28.90 31.22 -17.34
CA VAL B 160 -29.61 31.23 -18.61
C VAL B 160 -30.76 30.24 -18.49
N ILE B 161 -31.98 30.68 -18.82
CA ILE B 161 -33.16 29.83 -18.84
C ILE B 161 -33.34 29.27 -20.24
N GLN B 162 -33.07 27.98 -20.41
CA GLN B 162 -33.13 27.39 -21.74
C GLN B 162 -32.96 25.89 -21.59
N ASP B 163 -33.55 25.12 -22.53
CA ASP B 163 -33.23 23.72 -22.70
C ASP B 163 -31.73 23.57 -22.92
N GLY B 164 -31.07 22.73 -22.10
CA GLY B 164 -29.64 22.56 -22.20
C GLY B 164 -29.23 21.96 -23.55
N PHE B 165 -30.14 21.21 -24.19
CA PHE B 165 -29.89 20.68 -25.52
C PHE B 165 -29.68 21.79 -26.57
N VAL B 166 -30.60 22.77 -26.61
CA VAL B 166 -30.52 23.95 -27.46
C VAL B 166 -29.30 24.79 -27.09
N TYR B 167 -29.05 24.97 -25.77
CA TYR B 167 -27.91 25.78 -25.37
C TYR B 167 -26.62 25.18 -25.92
N VAL B 168 -26.49 23.87 -25.87
CA VAL B 168 -25.24 23.26 -26.30
C VAL B 168 -25.10 23.34 -27.83
N GLU B 169 -26.20 23.17 -28.56
CA GLU B 169 -26.18 23.31 -30.02
C GLU B 169 -25.75 24.74 -30.41
N GLU B 170 -26.28 25.73 -29.68
CA GLU B 170 -25.89 27.11 -29.91
C GLU B 170 -24.43 27.32 -29.54
N ALA B 171 -23.93 26.62 -28.50
CA ALA B 171 -22.55 26.82 -28.11
C ALA B 171 -21.61 26.28 -29.18
N ILE B 172 -21.98 25.15 -29.78
CA ILE B 172 -21.16 24.55 -30.83
C ILE B 172 -21.07 25.50 -32.03
N LYS B 173 -22.22 26.05 -32.46
CA LYS B 173 -22.29 27.03 -33.56
C LYS B 173 -21.38 28.23 -33.26
N ALA B 174 -21.43 28.74 -32.02
CA ALA B 174 -20.67 29.91 -31.64
C ALA B 174 -19.20 29.59 -31.38
N GLY B 175 -18.84 28.29 -31.35
CA GLY B 175 -17.49 27.87 -30.99
C GLY B 175 -17.10 28.12 -29.53
N ASP B 176 -18.06 28.11 -28.60
CA ASP B 176 -17.76 28.28 -27.17
C ASP B 176 -17.03 27.06 -26.62
N LYS B 177 -16.15 27.29 -25.64
CA LYS B 177 -15.40 26.20 -25.04
C LYS B 177 -15.36 26.36 -23.51
N TYR B 178 -15.44 25.22 -22.80
CA TYR B 178 -15.40 25.17 -21.34
C TYR B 178 -14.32 24.21 -20.85
N ASP B 179 -13.84 24.46 -19.63
CA ASP B 179 -12.92 23.56 -18.95
C ASP B 179 -13.66 22.41 -18.26
N VAL B 180 -14.78 22.73 -17.61
CA VAL B 180 -15.50 21.72 -16.84
C VAL B 180 -16.98 21.89 -17.12
N ILE B 181 -17.62 20.79 -17.52
CA ILE B 181 -19.06 20.79 -17.71
C ILE B 181 -19.68 19.83 -16.70
N ILE B 182 -20.65 20.34 -15.95
CA ILE B 182 -21.27 19.62 -14.85
C ILE B 182 -22.74 19.45 -15.23
N MET B 183 -23.20 18.19 -15.31
CA MET B 183 -24.61 17.99 -15.59
C MET B 183 -25.34 17.58 -14.31
N ASP B 184 -26.26 18.47 -13.91
CA ASP B 184 -27.04 18.32 -12.70
C ASP B 184 -28.52 18.30 -13.07
N LEU B 185 -28.94 17.27 -13.82
CA LEU B 185 -30.26 17.19 -14.39
C LEU B 185 -31.16 16.26 -13.55
N THR B 186 -32.46 16.29 -13.87
CA THR B 186 -33.39 15.29 -13.43
C THR B 186 -32.94 13.93 -13.96
N ASP B 187 -33.42 12.85 -13.31
CA ASP B 187 -32.84 11.54 -13.48
C ASP B 187 -33.04 10.99 -14.89
N PRO B 188 -32.06 10.21 -15.41
CA PRO B 188 -32.17 9.61 -16.74
C PRO B 188 -33.23 8.50 -16.78
N TYR B 189 -33.67 8.01 -15.61
CA TYR B 189 -34.59 6.88 -15.66
C TYR B 189 -36.04 7.39 -15.51
N SER B 190 -36.25 8.69 -15.27
CA SER B 190 -37.61 9.09 -14.96
C SER B 190 -37.99 10.36 -15.71
N SER B 191 -37.01 11.09 -16.26
CA SER B 191 -37.28 12.46 -16.65
C SER B 191 -37.35 12.60 -18.18
N ASP B 192 -38.55 12.96 -18.64
CA ASP B 192 -38.76 13.19 -20.06
C ASP B 192 -37.99 14.43 -20.52
N ILE B 193 -37.99 15.49 -19.72
CA ILE B 193 -37.38 16.74 -20.14
C ILE B 193 -35.85 16.60 -20.28
N ALA B 194 -35.24 15.64 -19.59
CA ALA B 194 -33.78 15.59 -19.61
C ALA B 194 -33.26 14.51 -20.55
N LYS B 195 -34.15 13.71 -21.15
CA LYS B 195 -33.75 12.43 -21.75
C LYS B 195 -32.78 12.60 -22.93
N GLN B 196 -32.91 13.69 -23.70
CA GLN B 196 -32.02 13.86 -24.85
C GLN B 196 -30.61 14.23 -24.40
N LEU B 197 -30.46 14.65 -23.14
CA LEU B 197 -29.14 15.10 -22.69
C LEU B 197 -28.32 13.92 -22.19
N TYR B 198 -28.87 12.72 -22.24
CA TYR B 198 -28.14 11.60 -21.69
C TYR B 198 -27.64 10.67 -22.80
N THR B 199 -27.70 11.09 -24.07
CA THR B 199 -27.43 10.18 -25.18
C THR B 199 -25.96 10.22 -25.57
N ARG B 200 -25.51 9.17 -26.25
CA ARG B 200 -24.19 9.08 -26.87
C ARG B 200 -23.93 10.32 -27.74
N GLU B 201 -24.95 10.75 -28.49
CA GLU B 201 -24.85 11.90 -29.38
C GLU B 201 -24.70 13.18 -28.57
N PHE B 202 -25.47 13.32 -27.48
CA PHE B 202 -25.28 14.50 -26.63
C PHE B 202 -23.86 14.57 -26.06
N PHE B 203 -23.27 13.42 -25.67
CA PHE B 203 -21.95 13.50 -25.06
C PHE B 203 -20.92 13.87 -26.13
N ALA B 204 -21.19 13.55 -27.40
CA ALA B 204 -20.31 13.94 -28.49
C ALA B 204 -20.40 15.47 -28.67
N LYS B 205 -21.57 16.05 -28.41
CA LYS B 205 -21.72 17.50 -28.45
C LYS B 205 -21.01 18.15 -27.29
N ILE B 206 -21.09 17.53 -26.11
CA ILE B 206 -20.43 18.06 -24.94
C ILE B 206 -18.93 18.13 -25.23
N ARG B 207 -18.38 17.07 -25.80
CA ARG B 207 -16.95 17.05 -26.11
C ARG B 207 -16.59 18.18 -27.08
N ARG B 208 -17.52 18.60 -27.95
CA ARG B 208 -17.21 19.66 -28.90
C ARG B 208 -17.11 21.01 -28.21
N ILE B 209 -17.72 21.19 -27.02
CA ILE B 209 -17.65 22.46 -26.33
C ILE B 209 -16.69 22.39 -25.13
N LEU B 210 -15.81 21.38 -25.10
CA LEU B 210 -14.76 21.33 -24.10
C LEU B 210 -13.43 21.78 -24.72
N ASN B 211 -12.57 22.38 -23.91
CA ASN B 211 -11.15 22.45 -24.23
C ASN B 211 -10.56 21.03 -24.34
N ASP B 212 -9.38 20.93 -24.96
CA ASP B 212 -8.73 19.66 -25.25
C ASP B 212 -8.39 18.92 -23.96
N ASP B 213 -8.29 19.63 -22.82
CA ASP B 213 -8.04 18.94 -21.56
C ASP B 213 -9.27 19.00 -20.62
N GLY B 214 -10.47 19.19 -21.18
CA GLY B 214 -11.69 19.41 -20.39
C GLY B 214 -12.19 18.18 -19.65
N VAL B 215 -13.10 18.41 -18.70
CA VAL B 215 -13.73 17.31 -18.01
C VAL B 215 -15.23 17.51 -17.91
N VAL B 216 -15.96 16.40 -18.02
CA VAL B 216 -17.39 16.43 -17.80
C VAL B 216 -17.72 15.54 -16.60
N VAL B 217 -18.75 15.92 -15.85
CA VAL B 217 -19.28 15.03 -14.84
C VAL B 217 -20.79 15.12 -14.89
N THR B 218 -21.44 13.97 -14.70
CA THR B 218 -22.89 13.92 -14.62
C THR B 218 -23.30 12.95 -13.50
N GLN B 219 -24.46 13.22 -12.89
CA GLN B 219 -25.11 12.16 -12.12
C GLN B 219 -25.80 11.26 -13.15
N ALA B 220 -25.89 9.95 -12.88
CA ALA B 220 -26.39 8.98 -13.83
C ALA B 220 -27.43 8.05 -13.17
N GLY B 221 -28.19 8.60 -12.25
CA GLY B 221 -29.24 7.82 -11.61
C GLY B 221 -28.66 6.88 -10.55
N ASN B 222 -28.97 5.59 -10.69
CA ASN B 222 -28.58 4.62 -9.69
C ASN B 222 -28.40 3.27 -10.39
N SER B 223 -27.20 2.70 -10.26
CA SER B 223 -26.86 1.45 -10.94
C SER B 223 -27.50 0.23 -10.26
N PHE B 224 -27.95 0.38 -9.01
CA PHE B 224 -28.54 -0.74 -8.29
C PHE B 224 -29.99 -0.95 -8.75
N TYR B 225 -30.78 0.13 -8.72
CA TYR B 225 -32.19 0.06 -9.05
C TYR B 225 -32.44 0.24 -10.56
N PHE B 226 -31.58 1.01 -11.28
CA PHE B 226 -31.80 1.31 -12.68
C PHE B 226 -30.55 1.00 -13.49
N PRO B 227 -30.09 -0.27 -13.48
CA PRO B 227 -28.84 -0.66 -14.14
C PRO B 227 -28.82 -0.40 -15.65
N ALA B 228 -29.97 -0.65 -16.32
CA ALA B 228 -30.00 -0.47 -17.77
C ALA B 228 -29.81 0.99 -18.13
N GLU B 229 -30.52 1.89 -17.47
CA GLU B 229 -30.38 3.32 -17.76
C GLU B 229 -29.00 3.84 -17.34
N TYR B 230 -28.46 3.30 -16.23
CA TYR B 230 -27.11 3.67 -15.86
C TYR B 230 -26.10 3.24 -16.94
N ASP B 231 -26.22 1.99 -17.38
CA ASP B 231 -25.34 1.45 -18.40
C ASP B 231 -25.38 2.23 -19.71
N MET B 232 -26.55 2.73 -20.10
CA MET B 232 -26.73 3.57 -21.28
C MET B 232 -25.92 4.85 -21.12
N VAL B 233 -25.98 5.49 -19.95
CA VAL B 233 -25.25 6.74 -19.77
C VAL B 233 -23.76 6.46 -19.80
N LEU B 234 -23.33 5.41 -19.08
CA LEU B 234 -21.93 5.03 -19.04
C LEU B 234 -21.38 4.79 -20.46
N GLU B 235 -22.07 3.96 -21.25
CA GLU B 235 -21.69 3.64 -22.64
C GLU B 235 -21.49 4.91 -23.46
N GLY B 236 -22.43 5.85 -23.32
CA GLY B 236 -22.38 7.16 -23.94
C GLY B 236 -21.15 7.98 -23.53
N VAL B 237 -20.77 7.97 -22.25
CA VAL B 237 -19.60 8.72 -21.82
C VAL B 237 -18.33 8.05 -22.37
N LYS B 238 -18.26 6.72 -22.27
CA LYS B 238 -17.09 5.95 -22.66
C LYS B 238 -16.83 6.07 -24.17
N ALA B 239 -17.90 6.18 -24.97
CA ALA B 239 -17.78 6.34 -26.40
C ALA B 239 -17.02 7.63 -26.72
N ASN B 240 -17.03 8.62 -25.79
CA ASN B 240 -16.64 9.99 -26.11
C ASN B 240 -15.43 10.48 -25.31
N PHE B 241 -15.01 9.74 -24.27
CA PHE B 241 -13.98 10.25 -23.39
C PHE B 241 -13.05 9.10 -23.07
N PRO B 242 -11.72 9.28 -23.16
CA PRO B 242 -10.78 8.16 -22.90
C PRO B 242 -10.62 7.81 -21.42
N ILE B 243 -10.89 8.77 -20.51
CA ILE B 243 -10.78 8.52 -19.08
C ILE B 243 -12.17 8.65 -18.46
N VAL B 244 -12.62 7.58 -17.78
CA VAL B 244 -13.97 7.56 -17.20
C VAL B 244 -13.89 7.01 -15.78
N ALA B 245 -14.33 7.82 -14.80
CA ALA B 245 -14.35 7.35 -13.42
C ALA B 245 -15.80 7.31 -12.96
N GLU B 246 -16.16 6.24 -12.25
CA GLU B 246 -17.50 6.01 -11.73
C GLU B 246 -17.44 5.99 -10.21
N TYR B 247 -18.34 6.71 -9.55
CA TYR B 247 -18.33 6.74 -8.09
C TYR B 247 -19.75 7.01 -7.61
N GLU B 248 -20.01 6.67 -6.35
CA GLU B 248 -21.36 6.87 -5.84
C GLU B 248 -21.30 7.41 -4.40
N VAL B 249 -22.38 8.10 -3.99
CA VAL B 249 -22.49 8.56 -2.62
C VAL B 249 -23.94 8.39 -2.18
N TRP B 250 -24.11 7.87 -0.96
CA TRP B 250 -25.44 7.72 -0.38
C TRP B 250 -26.00 9.10 -0.01
N ILE B 251 -27.19 9.40 -0.53
CA ILE B 251 -27.92 10.62 -0.23
C ILE B 251 -29.19 10.17 0.48
N PRO B 252 -29.24 10.30 1.82
CA PRO B 252 -30.35 9.72 2.59
C PRO B 252 -31.71 10.15 2.03
N SER B 253 -31.85 11.43 1.67
CA SER B 253 -33.16 11.96 1.25
C SER B 253 -33.67 11.34 -0.07
N PHE B 254 -32.76 10.85 -0.92
CA PHE B 254 -33.12 10.22 -2.18
C PHE B 254 -33.47 8.74 -2.00
N GLY B 255 -32.97 8.10 -0.93
CA GLY B 255 -33.21 6.68 -0.71
C GLY B 255 -32.13 5.80 -1.35
N TYR B 256 -31.07 6.40 -1.94
CA TYR B 256 -30.06 5.57 -2.58
C TYR B 256 -28.75 6.34 -2.76
N ALA B 257 -27.72 5.56 -3.18
CA ALA B 257 -26.43 6.09 -3.55
C ALA B 257 -26.49 6.59 -5.00
N VAL B 258 -26.37 7.91 -5.17
CA VAL B 258 -26.38 8.49 -6.50
C VAL B 258 -25.09 8.06 -7.20
N ASN B 259 -25.20 7.66 -8.46
CA ASN B 259 -24.04 7.35 -9.27
C ASN B 259 -23.58 8.56 -10.04
N PHE B 260 -22.27 8.83 -10.02
CA PHE B 260 -21.70 9.89 -10.84
C PHE B 260 -20.75 9.27 -11.86
N ILE B 261 -20.66 9.89 -13.05
CA ILE B 261 -19.72 9.46 -14.06
C ILE B 261 -18.92 10.70 -14.48
N LEU B 262 -17.60 10.58 -14.34
CA LEU B 262 -16.69 11.67 -14.67
C LEU B 262 -15.92 11.24 -15.90
N GLY B 263 -16.01 12.06 -16.96
CA GLY B 263 -15.30 11.82 -18.21
C GLY B 263 -14.21 12.86 -18.38
N SER B 264 -13.02 12.43 -18.76
CA SER B 264 -11.92 13.37 -18.85
C SER B 264 -11.15 13.11 -20.15
N LEU B 265 -10.63 14.20 -20.73
CA LEU B 265 -9.87 14.18 -21.96
C LEU B 265 -8.37 14.00 -21.71
N ARG B 266 -7.86 14.36 -20.52
CA ARG B 266 -6.42 14.29 -20.27
C ARG B 266 -6.06 13.84 -18.85
N TYR B 267 -6.69 14.44 -17.82
CA TYR B 267 -6.27 14.27 -16.43
C TYR B 267 -7.09 13.18 -15.76
N ASP B 268 -6.37 12.31 -15.06
CA ASP B 268 -6.95 11.13 -14.48
C ASP B 268 -7.25 11.40 -13.01
N PRO B 269 -8.52 11.35 -12.56
CA PRO B 269 -8.82 11.58 -11.14
C PRO B 269 -8.24 10.48 -10.24
N HIS B 270 -7.95 9.29 -10.82
CA HIS B 270 -7.35 8.20 -10.08
C HIS B 270 -5.91 8.49 -9.69
N ALA B 271 -5.26 9.44 -10.39
CA ALA B 271 -3.84 9.68 -10.16
C ALA B 271 -3.63 10.65 -8.99
N LEU B 272 -4.70 11.32 -8.54
CA LEU B 272 -4.58 12.32 -7.49
C LEU B 272 -4.46 11.68 -6.10
N THR B 273 -3.43 12.06 -5.33
CA THR B 273 -3.33 11.61 -3.96
C THR B 273 -4.21 12.50 -3.07
N PRO B 274 -4.57 12.04 -1.85
CA PRO B 274 -5.27 12.89 -0.90
C PRO B 274 -4.59 14.26 -0.68
N SER B 275 -3.27 14.25 -0.61
CA SER B 275 -2.57 15.47 -0.30
C SER B 275 -2.54 16.45 -1.48
N GLU B 276 -2.51 15.97 -2.73
CA GLU B 276 -2.67 16.83 -3.90
C GLU B 276 -4.08 17.43 -3.96
N VAL B 277 -5.10 16.65 -3.60
CA VAL B 277 -6.45 17.17 -3.57
C VAL B 277 -6.56 18.28 -2.53
N ASP B 278 -6.05 18.02 -1.33
CA ASP B 278 -6.11 18.98 -0.24
C ASP B 278 -5.35 20.26 -0.59
N GLU B 279 -4.22 20.09 -1.29
CA GLU B 279 -3.38 21.21 -1.69
C GLU B 279 -4.12 22.11 -2.68
N ARG B 280 -4.75 21.51 -3.69
CA ARG B 280 -5.49 22.29 -4.66
C ARG B 280 -6.70 22.99 -4.04
N LEU B 281 -7.42 22.32 -3.14
CA LEU B 281 -8.56 22.93 -2.44
C LEU B 281 -8.08 24.14 -1.64
N ARG B 282 -6.98 23.97 -0.89
CA ARG B 282 -6.40 25.06 -0.11
C ARG B 282 -6.01 26.23 -1.02
N ALA B 283 -5.25 25.94 -2.08
CA ALA B 283 -4.77 26.98 -2.98
C ALA B 283 -5.93 27.78 -3.55
N ARG B 284 -7.05 27.08 -3.83
CA ARG B 284 -8.18 27.71 -4.52
C ARG B 284 -9.18 28.32 -3.54
N GLY B 285 -8.94 28.17 -2.24
CA GLY B 285 -9.79 28.74 -1.21
C GLY B 285 -11.12 28.01 -1.03
N VAL B 286 -11.16 26.70 -1.32
CA VAL B 286 -12.39 25.93 -1.30
C VAL B 286 -12.63 25.40 0.11
N LYS B 287 -13.75 25.80 0.73
CA LYS B 287 -14.13 25.18 1.99
C LYS B 287 -15.32 24.25 1.74
N THR B 288 -15.31 23.09 2.39
CA THR B 288 -16.34 22.08 2.17
C THR B 288 -16.76 21.51 3.51
N ALA B 289 -17.95 20.91 3.56
CA ALA B 289 -18.42 20.19 4.74
C ALA B 289 -18.08 18.71 4.65
N PHE B 290 -17.67 18.23 3.45
CA PHE B 290 -17.59 16.78 3.22
C PHE B 290 -16.34 16.43 2.45
N TYR B 291 -16.22 16.94 1.20
CA TYR B 291 -15.16 16.50 0.30
C TYR B 291 -13.78 16.90 0.84
N THR B 292 -12.86 15.93 0.88
CA THR B 292 -11.46 16.14 1.21
C THR B 292 -10.65 15.20 0.31
N GLY B 293 -9.31 15.23 0.42
CA GLY B 293 -8.46 14.29 -0.31
C GLY B 293 -8.75 12.83 0.02
N ARG B 294 -9.07 12.54 1.29
CA ARG B 294 -9.35 11.17 1.67
C ARG B 294 -10.68 10.71 1.10
N VAL B 295 -11.68 11.61 1.06
CA VAL B 295 -12.95 11.28 0.43
C VAL B 295 -12.72 10.98 -1.05
N HIS B 296 -11.86 11.76 -1.70
CA HIS B 296 -11.53 11.55 -3.10
C HIS B 296 -10.98 10.16 -3.32
N LEU B 297 -10.03 9.77 -2.47
CA LEU B 297 -9.44 8.45 -2.54
C LEU B 297 -10.51 7.37 -2.38
N ALA B 298 -11.40 7.53 -1.39
CA ALA B 298 -12.48 6.57 -1.20
C ALA B 298 -13.42 6.50 -2.41
N LEU B 299 -13.79 7.65 -2.99
CA LEU B 299 -14.68 7.67 -4.16
C LEU B 299 -14.06 6.92 -5.32
N MET B 300 -12.75 7.05 -5.48
CA MET B 300 -12.02 6.47 -6.58
C MET B 300 -11.80 4.96 -6.34
N ASN B 301 -12.04 4.44 -5.14
CA ASN B 301 -11.68 3.05 -4.89
C ASN B 301 -12.89 2.16 -4.57
N MET B 302 -14.04 2.78 -4.27
CA MET B 302 -15.25 2.08 -3.90
C MET B 302 -16.00 1.69 -5.19
N PRO B 303 -16.21 0.39 -5.50
CA PRO B 303 -17.00 0.01 -6.67
C PRO B 303 -18.46 0.40 -6.43
N ILE B 304 -19.22 0.54 -7.51
CA ILE B 304 -20.61 0.95 -7.42
C ILE B 304 -21.46 -0.28 -7.10
N HIS B 305 -22.61 -0.04 -6.48
CA HIS B 305 -23.51 -1.13 -6.11
C HIS B 305 -24.28 -1.67 -7.31
N ARG B 306 -24.44 -3.00 -7.35
CA ARG B 306 -25.25 -3.70 -8.34
C ARG B 306 -26.02 -4.74 -7.57
N LYS B 307 -27.18 -5.16 -8.08
CA LYS B 307 -27.90 -6.29 -7.54
C LYS B 307 -27.01 -7.52 -7.68
N LEU B 308 -26.81 -8.27 -6.60
CA LEU B 308 -25.80 -9.32 -6.67
C LEU B 308 -26.46 -10.66 -7.03
N ARG B 309 -27.77 -10.77 -6.83
CA ARG B 309 -28.47 -11.99 -7.22
C ARG B 309 -29.71 -11.59 -8.05
N VAL C 24 45.18 -7.31 9.22
CA VAL C 24 45.60 -7.04 7.75
C VAL C 24 45.74 -8.32 6.88
N PRO C 25 45.32 -8.32 5.56
CA PRO C 25 45.39 -9.53 4.74
C PRO C 25 46.82 -9.89 4.35
N GLY C 26 47.14 -11.18 4.50
CA GLY C 26 48.42 -11.72 4.14
C GLY C 26 48.82 -12.85 5.08
N PRO C 27 50.00 -13.48 4.87
CA PRO C 27 50.93 -13.05 3.81
C PRO C 27 50.57 -13.30 2.34
N ILE C 28 49.75 -14.33 2.08
CA ILE C 28 49.32 -14.68 0.74
C ILE C 28 47.93 -14.10 0.54
N THR C 29 47.74 -13.45 -0.62
CA THR C 29 46.62 -12.56 -0.84
C THR C 29 46.14 -12.75 -2.28
N LEU C 30 44.82 -12.70 -2.49
CA LEU C 30 44.25 -12.56 -3.82
C LEU C 30 43.96 -11.07 -4.07
N ILE C 31 44.37 -10.56 -5.23
CA ILE C 31 43.93 -9.23 -5.64
C ILE C 31 42.76 -9.41 -6.59
N GLU C 32 41.55 -9.17 -6.12
CA GLU C 32 40.40 -9.35 -6.97
C GLU C 32 40.05 -8.00 -7.57
N PRO C 33 40.05 -7.86 -8.91
CA PRO C 33 39.66 -6.61 -9.55
C PRO C 33 38.19 -6.35 -9.26
N LEU C 34 37.84 -5.06 -9.18
CA LEU C 34 36.48 -4.65 -8.99
C LEU C 34 36.18 -3.67 -10.13
N SER C 35 36.60 -2.40 -10.02
CA SER C 35 36.16 -1.41 -11.01
C SER C 35 37.30 -0.96 -11.92
N GLY C 36 38.53 -1.42 -11.67
CA GLY C 36 39.66 -0.70 -12.25
C GLY C 36 40.21 0.35 -11.29
N ASN C 37 39.33 1.02 -10.52
CA ASN C 37 39.79 2.01 -9.55
C ASN C 37 39.67 1.52 -8.10
N THR C 38 39.06 0.33 -7.93
CA THR C 38 38.93 -0.32 -6.64
C THR C 38 39.19 -1.80 -6.89
N SER C 39 39.93 -2.44 -6.00
CA SER C 39 40.10 -3.88 -5.97
C SER C 39 39.95 -4.36 -4.53
N LEU C 40 39.71 -5.68 -4.35
CA LEU C 40 39.70 -6.30 -3.03
C LEU C 40 41.03 -7.04 -2.81
N LEU C 41 41.57 -6.94 -1.60
CA LEU C 41 42.72 -7.72 -1.17
C LEU C 41 42.20 -8.77 -0.20
N ILE C 42 42.35 -10.07 -0.54
CA ILE C 42 41.69 -11.11 0.22
C ILE C 42 42.73 -12.11 0.67
N LYS C 43 42.83 -12.36 1.97
CA LYS C 43 43.77 -13.36 2.48
C LYS C 43 43.45 -14.77 1.94
N ILE C 44 44.47 -15.47 1.46
CA ILE C 44 44.35 -16.85 0.97
C ILE C 44 45.03 -17.80 1.97
N ASN C 45 44.40 -18.94 2.28
CA ASN C 45 44.98 -19.97 3.15
C ASN C 45 45.60 -21.10 2.36
N ALA C 46 45.05 -21.44 1.18
CA ALA C 46 45.57 -22.55 0.38
C ALA C 46 45.16 -22.36 -1.07
N ILE C 47 45.92 -22.93 -1.99
CA ILE C 47 45.60 -22.99 -3.40
C ILE C 47 45.46 -24.46 -3.77
N HIS C 48 44.25 -24.87 -4.20
CA HIS C 48 43.99 -26.27 -4.50
C HIS C 48 44.31 -26.59 -5.95
N SER C 49 44.07 -25.65 -6.85
CA SER C 49 44.26 -25.97 -8.25
C SER C 49 44.40 -24.68 -9.05
N VAL C 50 45.35 -24.68 -9.98
CA VAL C 50 45.49 -23.63 -10.97
C VAL C 50 45.47 -24.29 -12.34
N LYS C 51 44.60 -23.84 -13.24
CA LYS C 51 44.48 -24.48 -14.53
C LYS C 51 44.26 -23.41 -15.58
N LYS C 52 45.21 -23.28 -16.51
CA LYS C 52 45.00 -22.45 -17.69
C LYS C 52 44.22 -23.29 -18.71
N SER C 53 42.91 -23.02 -18.84
CA SER C 53 42.08 -23.70 -19.80
C SER C 53 42.16 -22.97 -21.13
N PRO C 54 41.65 -23.54 -22.25
CA PRO C 54 41.59 -22.77 -23.50
C PRO C 54 40.79 -21.47 -23.38
N TYR C 55 39.94 -21.35 -22.35
CA TYR C 55 39.03 -20.20 -22.32
C TYR C 55 39.43 -19.18 -21.25
N GLN C 56 40.01 -19.63 -20.13
CA GLN C 56 40.21 -18.71 -19.03
C GLN C 56 41.16 -19.35 -18.02
N GLU C 57 41.72 -18.53 -17.13
CA GLU C 57 42.52 -19.02 -16.02
C GLU C 57 41.60 -19.33 -14.85
N ILE C 58 41.76 -20.53 -14.29
CA ILE C 58 40.90 -21.04 -13.24
C ILE C 58 41.74 -21.26 -12.00
N ILE C 59 41.26 -20.79 -10.85
CA ILE C 59 41.93 -21.13 -9.60
C ILE C 59 40.86 -21.56 -8.62
N ILE C 60 41.16 -22.61 -7.85
CA ILE C 60 40.35 -22.96 -6.71
C ILE C 60 41.22 -22.77 -5.49
N ALA C 61 40.69 -22.03 -4.49
CA ALA C 61 41.51 -21.59 -3.38
C ALA C 61 40.64 -21.51 -2.14
N ASP C 62 41.29 -21.50 -0.97
CA ASP C 62 40.60 -21.27 0.29
C ASP C 62 40.91 -19.86 0.74
N THR C 63 39.88 -19.08 1.08
CA THR C 63 40.09 -17.75 1.60
C THR C 63 39.69 -17.79 3.07
N GLU C 64 40.33 -16.94 3.88
CA GLU C 64 39.94 -16.85 5.28
C GLU C 64 38.50 -16.36 5.47
N ASP C 65 38.10 -15.28 4.77
CA ASP C 65 36.80 -14.70 5.01
C ASP C 65 35.67 -15.48 4.33
N TYR C 66 35.90 -16.07 3.16
CA TYR C 66 34.78 -16.56 2.35
C TYR C 66 34.86 -18.08 2.15
N GLY C 67 35.83 -18.75 2.80
CA GLY C 67 36.03 -20.18 2.59
C GLY C 67 36.48 -20.44 1.15
N ARG C 68 36.13 -21.62 0.64
CA ARG C 68 36.60 -22.02 -0.67
C ARG C 68 35.94 -21.17 -1.77
N VAL C 69 36.73 -20.84 -2.81
CA VAL C 69 36.26 -20.01 -3.90
C VAL C 69 36.67 -20.62 -5.24
N LEU C 70 35.85 -20.36 -6.25
CA LEU C 70 36.24 -20.53 -7.63
C LEU C 70 36.55 -19.14 -8.17
N ILE C 71 37.71 -18.98 -8.82
CA ILE C 71 38.19 -17.73 -9.39
C ILE C 71 38.40 -17.95 -10.88
N LEU C 72 37.86 -17.07 -11.72
CA LEU C 72 38.06 -17.14 -13.16
C LEU C 72 38.58 -15.79 -13.63
N ASP C 73 39.78 -15.81 -14.25
CA ASP C 73 40.48 -14.60 -14.63
C ASP C 73 40.53 -13.59 -13.49
N ASP C 74 40.76 -14.04 -12.24
CA ASP C 74 41.01 -13.14 -11.12
C ASP C 74 39.74 -12.73 -10.37
N TYR C 75 38.54 -13.06 -10.90
CA TYR C 75 37.29 -12.73 -10.24
C TYR C 75 36.70 -13.94 -9.56
N ILE C 76 36.43 -13.84 -8.25
CA ILE C 76 35.68 -14.84 -7.51
C ILE C 76 34.29 -14.99 -8.15
N GLN C 77 33.95 -16.21 -8.53
CA GLN C 77 32.68 -16.50 -9.14
C GLN C 77 31.75 -17.02 -8.06
N SER C 78 32.31 -17.52 -6.98
CA SER C 78 31.47 -18.23 -6.02
C SER C 78 32.28 -18.46 -4.76
N SER C 79 31.67 -18.29 -3.59
CA SER C 79 32.43 -18.63 -2.41
C SER C 79 31.54 -19.47 -1.52
N TYR C 80 32.13 -20.38 -0.73
CA TYR C 80 31.34 -21.21 0.18
C TYR C 80 30.46 -20.37 1.09
N VAL C 81 30.98 -19.28 1.67
CA VAL C 81 30.17 -18.64 2.71
C VAL C 81 29.08 -17.74 2.13
N ASP C 82 29.14 -17.31 0.86
CA ASP C 82 28.10 -16.39 0.42
C ASP C 82 27.45 -16.78 -0.91
N GLU C 83 27.85 -17.91 -1.52
CA GLU C 83 27.34 -18.27 -2.84
C GLU C 83 25.82 -18.43 -2.81
N GLN C 84 25.25 -18.88 -1.67
CA GLN C 84 23.79 -19.05 -1.63
C GLN C 84 23.04 -17.73 -1.83
N TYR C 85 23.63 -16.61 -1.38
CA TYR C 85 23.01 -15.32 -1.65
C TYR C 85 22.93 -15.09 -3.15
N TYR C 86 24.00 -15.42 -3.87
CA TYR C 86 24.02 -15.20 -5.29
C TYR C 86 23.06 -16.16 -6.02
N HIS C 87 23.21 -17.47 -5.74
CA HIS C 87 22.51 -18.46 -6.56
C HIS C 87 21.03 -18.45 -6.25
N GLU C 88 20.65 -18.23 -4.99
CA GLU C 88 19.24 -18.20 -4.63
C GLU C 88 18.58 -16.97 -5.24
N SER C 89 19.28 -15.83 -5.24
CA SER C 89 18.81 -14.60 -5.86
C SER C 89 18.68 -14.71 -7.37
N LEU C 90 19.61 -15.44 -8.02
CA LEU C 90 19.58 -15.58 -9.48
C LEU C 90 18.36 -16.44 -9.88
N VAL C 91 18.11 -17.52 -9.13
CA VAL C 91 17.27 -18.61 -9.59
C VAL C 91 15.82 -18.44 -9.09
N HIS C 92 15.61 -18.22 -7.78
CA HIS C 92 14.28 -18.42 -7.20
C HIS C 92 13.28 -17.34 -7.60
N PRO C 93 13.60 -16.02 -7.72
CA PRO C 93 12.58 -15.07 -8.15
C PRO C 93 11.97 -15.49 -9.50
N ALA C 94 12.79 -15.89 -10.48
CA ALA C 94 12.33 -16.31 -11.80
C ALA C 94 11.50 -17.57 -11.71
N MET C 95 12.00 -18.59 -11.02
CA MET C 95 11.34 -19.88 -10.94
C MET C 95 10.02 -19.76 -10.19
N ALA C 96 10.01 -18.94 -9.12
CA ALA C 96 8.79 -18.76 -8.33
C ALA C 96 7.78 -17.93 -9.13
N THR C 97 8.24 -17.04 -9.99
CA THR C 97 7.33 -16.22 -10.78
C THR C 97 6.57 -17.10 -11.78
N HIS C 98 7.28 -18.06 -12.37
CA HIS C 98 6.67 -18.99 -13.30
C HIS C 98 5.75 -19.94 -12.53
N PRO C 99 4.45 -20.03 -12.86
CA PRO C 99 3.55 -20.90 -12.12
C PRO C 99 3.85 -22.39 -12.26
N ASN C 100 4.60 -22.79 -13.30
CA ASN C 100 4.84 -24.21 -13.47
C ASN C 100 6.08 -24.46 -14.33
N PRO C 101 7.31 -24.18 -13.84
CA PRO C 101 8.51 -24.34 -14.68
C PRO C 101 8.87 -25.82 -14.76
N ARG C 102 8.82 -26.37 -15.98
CA ARG C 102 9.06 -27.80 -16.19
C ARG C 102 10.40 -28.00 -16.91
N ASP C 103 10.73 -27.09 -17.83
CA ASP C 103 11.96 -27.15 -18.61
C ASP C 103 12.80 -25.89 -18.37
N VAL C 104 14.04 -26.10 -17.90
CA VAL C 104 14.94 -25.02 -17.50
C VAL C 104 16.25 -25.13 -18.29
N LEU C 105 16.72 -24.00 -18.82
CA LEU C 105 18.01 -23.94 -19.47
C LEU C 105 18.88 -22.96 -18.68
N ILE C 106 20.10 -23.39 -18.37
CA ILE C 106 21.09 -22.56 -17.70
C ILE C 106 22.27 -22.40 -18.64
N LEU C 107 22.63 -21.15 -18.94
CA LEU C 107 23.84 -20.85 -19.68
C LEU C 107 24.92 -20.39 -18.69
N GLY C 108 26.07 -21.08 -18.70
CA GLY C 108 27.10 -20.85 -17.69
C GLY C 108 26.89 -21.75 -16.48
N GLY C 109 27.11 -21.20 -15.28
CA GLY C 109 26.82 -21.92 -14.05
C GLY C 109 27.73 -23.13 -13.82
N GLY C 110 29.00 -23.01 -14.26
CA GLY C 110 29.97 -24.09 -14.31
C GLY C 110 30.21 -24.79 -12.98
N GLU C 111 30.10 -24.11 -11.83
CA GLU C 111 30.28 -24.82 -10.56
C GLU C 111 29.05 -25.65 -10.15
N GLY C 112 27.90 -25.45 -10.81
CA GLY C 112 26.78 -26.37 -10.61
C GLY C 112 25.77 -25.90 -9.56
N ALA C 113 26.01 -24.72 -8.95
CA ALA C 113 25.14 -24.23 -7.88
C ALA C 113 23.83 -23.69 -8.43
N THR C 114 23.85 -23.10 -9.63
CA THR C 114 22.62 -22.62 -10.27
C THR C 114 21.72 -23.80 -10.58
N LEU C 115 22.31 -24.84 -11.18
CA LEU C 115 21.62 -26.10 -11.46
C LEU C 115 21.04 -26.69 -10.17
N ARG C 116 21.83 -26.74 -9.09
CA ARG C 116 21.38 -27.21 -7.79
C ARG C 116 20.12 -26.45 -7.35
N GLU C 117 20.10 -25.12 -7.50
CA GLU C 117 18.95 -24.35 -7.00
C GLU C 117 17.74 -24.64 -7.87
N ALA C 118 17.93 -24.67 -9.19
CA ALA C 118 16.80 -24.87 -10.09
C ALA C 118 16.16 -26.26 -9.88
N LEU C 119 16.98 -27.30 -9.64
CA LEU C 119 16.50 -28.67 -9.48
C LEU C 119 15.66 -28.81 -8.20
N LYS C 120 15.79 -27.88 -7.24
CA LYS C 120 15.03 -27.96 -6.01
C LYS C 120 13.52 -27.82 -6.30
N HIS C 121 13.16 -27.13 -7.39
CA HIS C 121 11.76 -26.99 -7.77
C HIS C 121 11.23 -28.35 -8.28
N GLY C 122 10.29 -28.92 -7.50
CA GLY C 122 9.75 -30.23 -7.77
C GLY C 122 9.05 -30.30 -9.13
N THR C 123 8.68 -29.13 -9.69
CA THR C 123 7.96 -29.11 -10.96
C THR C 123 8.90 -29.38 -12.15
N VAL C 124 10.21 -29.25 -11.94
CA VAL C 124 11.17 -29.31 -13.03
C VAL C 124 11.31 -30.75 -13.51
N LYS C 125 11.17 -30.98 -14.80
CA LYS C 125 11.31 -32.32 -15.38
C LYS C 125 12.64 -32.43 -16.11
N ARG C 126 13.12 -31.31 -16.61
CA ARG C 126 14.33 -31.31 -17.42
C ARG C 126 15.07 -30.00 -17.21
N ALA C 127 16.35 -30.10 -16.86
CA ALA C 127 17.23 -28.97 -16.64
C ALA C 127 18.50 -29.21 -17.43
N VAL C 128 18.77 -28.27 -18.35
CA VAL C 128 19.97 -28.37 -19.15
C VAL C 128 20.92 -27.26 -18.71
N MET C 129 22.18 -27.61 -18.53
CA MET C 129 23.22 -26.64 -18.19
C MET C 129 24.26 -26.70 -19.30
N VAL C 130 24.56 -25.54 -19.88
CA VAL C 130 25.50 -25.44 -21.00
C VAL C 130 26.63 -24.50 -20.55
N ASP C 131 27.83 -25.04 -20.37
CA ASP C 131 29.01 -24.23 -20.08
C ASP C 131 30.05 -24.47 -21.17
N ILE C 132 30.78 -23.42 -21.55
CA ILE C 132 31.74 -23.51 -22.63
C ILE C 132 32.99 -24.27 -22.19
N ASP C 133 33.23 -24.39 -20.87
CA ASP C 133 34.55 -24.74 -20.36
C ASP C 133 34.50 -26.00 -19.51
N ARG C 134 34.85 -27.13 -20.15
CA ARG C 134 34.84 -28.42 -19.44
C ARG C 134 35.69 -28.39 -18.18
N ASP C 135 36.81 -27.65 -18.19
CA ASP C 135 37.71 -27.63 -17.04
C ASP C 135 37.02 -27.06 -15.78
N VAL C 136 36.13 -26.07 -15.96
CA VAL C 136 35.45 -25.51 -14.79
C VAL C 136 34.54 -26.58 -14.18
N VAL C 137 33.72 -27.24 -15.04
CA VAL C 137 32.82 -28.26 -14.55
C VAL C 137 33.61 -29.36 -13.83
N GLU C 138 34.73 -29.79 -14.40
CA GLU C 138 35.50 -30.91 -13.85
C GLU C 138 36.20 -30.53 -12.53
N LEU C 139 36.77 -29.34 -12.47
CA LEU C 139 37.36 -28.88 -11.21
C LEU C 139 36.30 -28.70 -10.11
N SER C 140 35.08 -28.26 -10.50
CA SER C 140 33.99 -28.16 -9.54
C SER C 140 33.63 -29.54 -9.02
N ARG C 141 33.47 -30.48 -9.96
CA ARG C 141 33.16 -31.85 -9.57
C ARG C 141 34.15 -32.31 -8.50
N ALA C 142 35.45 -32.08 -8.73
CA ALA C 142 36.52 -32.49 -7.82
C ALA C 142 36.59 -31.67 -6.52
N TYR C 143 36.49 -30.32 -6.60
CA TYR C 143 36.91 -29.51 -5.46
C TYR C 143 35.78 -28.72 -4.78
N LEU C 144 34.61 -28.62 -5.42
CA LEU C 144 33.55 -27.78 -4.88
C LEU C 144 32.29 -28.60 -4.59
N PRO C 145 32.35 -29.67 -3.76
CA PRO C 145 31.15 -30.50 -3.51
C PRO C 145 30.00 -29.70 -2.90
N GLN C 146 30.30 -28.66 -2.10
CA GLN C 146 29.19 -27.94 -1.47
C GLN C 146 28.52 -27.00 -2.47
N MET C 147 29.10 -26.84 -3.66
CA MET C 147 28.46 -26.04 -4.68
C MET C 147 27.42 -26.89 -5.44
N HIS C 148 27.87 -27.95 -6.13
CA HIS C 148 26.97 -28.73 -6.97
C HIS C 148 26.04 -29.59 -6.11
N GLN C 149 26.54 -30.06 -4.98
CA GLN C 149 25.82 -31.01 -4.13
C GLN C 149 25.12 -32.11 -4.95
N GLY C 150 25.83 -32.68 -5.94
CA GLY C 150 25.28 -33.81 -6.68
C GLY C 150 24.48 -33.43 -7.91
N ALA C 151 24.22 -32.13 -8.10
CA ALA C 151 23.36 -31.64 -9.15
C ALA C 151 23.76 -32.15 -10.54
N PHE C 152 25.07 -32.33 -10.77
CA PHE C 152 25.51 -32.72 -12.12
C PHE C 152 24.96 -34.11 -12.49
N ASP C 153 24.70 -34.94 -11.48
CA ASP C 153 24.31 -36.33 -11.71
C ASP C 153 22.82 -36.57 -11.43
N ASP C 154 22.04 -35.51 -11.22
CA ASP C 154 20.61 -35.68 -11.06
C ASP C 154 20.06 -36.19 -12.40
N PRO C 155 19.20 -37.24 -12.38
CA PRO C 155 18.61 -37.76 -13.62
C PRO C 155 17.83 -36.71 -14.42
N ARG C 156 17.37 -35.64 -13.76
CA ARG C 156 16.66 -34.59 -14.49
C ARG C 156 17.64 -33.64 -15.21
N ALA C 157 18.93 -33.72 -14.87
CA ALA C 157 19.88 -32.75 -15.39
C ALA C 157 20.66 -33.31 -16.60
N LYS C 158 21.01 -32.41 -17.52
CA LYS C 158 21.92 -32.74 -18.60
C LYS C 158 22.98 -31.64 -18.66
N VAL C 159 24.25 -32.01 -18.64
CA VAL C 159 25.35 -31.09 -18.75
C VAL C 159 25.93 -31.12 -20.17
N VAL C 160 25.94 -29.98 -20.86
CA VAL C 160 26.45 -29.89 -22.23
C VAL C 160 27.63 -28.92 -22.21
N ILE C 161 28.78 -29.37 -22.73
CA ILE C 161 29.95 -28.52 -22.90
C ILE C 161 29.91 -27.85 -24.28
N GLN C 162 29.64 -26.54 -24.33
CA GLN C 162 29.48 -25.86 -25.61
C GLN C 162 29.32 -24.37 -25.33
N ASP C 163 29.76 -23.52 -26.25
CA ASP C 163 29.42 -22.11 -26.27
C ASP C 163 27.89 -21.98 -26.28
N GLY C 164 27.37 -21.21 -25.32
CA GLY C 164 25.93 -21.05 -25.21
C GLY C 164 25.32 -20.36 -26.42
N PHE C 165 26.12 -19.55 -27.13
CA PHE C 165 25.70 -18.92 -28.37
C PHE C 165 25.31 -19.95 -29.44
N VAL C 166 26.19 -20.92 -29.68
CA VAL C 166 26.00 -22.04 -30.61
C VAL C 166 24.84 -22.91 -30.13
N TYR C 167 24.79 -23.19 -28.81
CA TYR C 167 23.72 -24.04 -28.31
C TYR C 167 22.36 -23.40 -28.60
N VAL C 168 22.26 -22.08 -28.41
CA VAL C 168 20.95 -21.46 -28.61
C VAL C 168 20.57 -21.41 -30.09
N GLU C 169 21.56 -21.19 -30.98
CA GLU C 169 21.30 -21.24 -32.42
C GLU C 169 20.80 -22.62 -32.83
N GLU C 170 21.43 -23.66 -32.27
CA GLU C 170 21.00 -25.02 -32.54
C GLU C 170 19.62 -25.28 -31.94
N ALA C 171 19.29 -24.65 -30.82
CA ALA C 171 17.98 -24.90 -30.21
C ALA C 171 16.88 -24.29 -31.07
N ILE C 172 17.15 -23.11 -31.65
CA ILE C 172 16.19 -22.45 -32.53
C ILE C 172 15.92 -23.33 -33.75
N LYS C 173 16.99 -23.86 -34.38
CA LYS C 173 16.85 -24.73 -35.55
C LYS C 173 16.02 -25.97 -35.20
N ALA C 174 16.26 -26.57 -34.03
CA ALA C 174 15.54 -27.77 -33.62
C ALA C 174 14.13 -27.45 -33.12
N GLY C 175 13.80 -26.16 -32.92
CA GLY C 175 12.53 -25.75 -32.32
C GLY C 175 12.38 -26.14 -30.83
N ASP C 176 13.49 -26.19 -30.06
CA ASP C 176 13.42 -26.45 -28.63
C ASP C 176 12.79 -25.27 -27.89
N LYS C 177 12.09 -25.58 -26.79
CA LYS C 177 11.45 -24.55 -25.99
C LYS C 177 11.71 -24.79 -24.50
N TYR C 178 11.87 -23.67 -23.75
CA TYR C 178 12.06 -23.72 -22.30
C TYR C 178 11.06 -22.81 -21.58
N ASP C 179 10.77 -23.15 -20.33
CA ASP C 179 9.95 -22.31 -19.45
C ASP C 179 10.79 -21.19 -18.82
N VAL C 180 12.00 -21.53 -18.37
CA VAL C 180 12.85 -20.58 -17.66
C VAL C 180 14.26 -20.72 -18.19
N ILE C 181 14.83 -19.60 -18.61
CA ILE C 181 16.23 -19.57 -19.02
C ILE C 181 17.00 -18.68 -18.04
N ILE C 182 18.06 -19.25 -17.46
CA ILE C 182 18.86 -18.59 -16.45
C ILE C 182 20.25 -18.38 -17.04
N MET C 183 20.69 -17.12 -17.08
CA MET C 183 22.04 -16.88 -17.56
C MET C 183 22.96 -16.56 -16.39
N ASP C 184 23.93 -17.46 -16.20
CA ASP C 184 24.89 -17.40 -15.11
C ASP C 184 26.29 -17.38 -15.71
N LEU C 185 26.60 -16.29 -16.43
CA LEU C 185 27.84 -16.17 -17.19
C LEU C 185 28.85 -15.30 -16.43
N THR C 186 30.07 -15.28 -16.98
CA THR C 186 31.07 -14.33 -16.57
C THR C 186 30.57 -12.92 -16.94
N ASP C 187 31.18 -11.90 -16.32
CA ASP C 187 30.61 -10.56 -16.29
C ASP C 187 30.54 -9.91 -17.67
N PRO C 188 29.49 -9.10 -17.93
CA PRO C 188 29.37 -8.39 -19.21
C PRO C 188 30.36 -7.24 -19.33
N TYR C 189 31.03 -6.87 -18.23
CA TYR C 189 31.95 -5.76 -18.34
C TYR C 189 33.40 -6.25 -18.50
N SER C 190 33.61 -7.57 -18.43
CA SER C 190 35.00 -7.98 -18.38
C SER C 190 35.26 -9.16 -19.31
N SER C 191 34.22 -9.91 -19.71
CA SER C 191 34.45 -11.26 -20.20
C SER C 191 34.29 -11.36 -21.73
N ASP C 192 35.40 -11.69 -22.40
CA ASP C 192 35.39 -11.81 -23.84
C ASP C 192 34.58 -13.04 -24.26
N ILE C 193 34.70 -14.16 -23.53
CA ILE C 193 34.01 -15.37 -23.90
C ILE C 193 32.50 -15.23 -23.81
N ALA C 194 31.99 -14.32 -22.99
CA ALA C 194 30.54 -14.28 -22.78
C ALA C 194 29.90 -13.12 -23.57
N LYS C 195 30.72 -12.31 -24.27
CA LYS C 195 30.25 -11.01 -24.76
C LYS C 195 29.07 -11.10 -25.74
N GLN C 196 29.05 -12.14 -26.57
CA GLN C 196 28.01 -12.25 -27.59
C GLN C 196 26.67 -12.61 -26.94
N LEU C 197 26.70 -13.08 -25.68
CA LEU C 197 25.47 -13.55 -25.06
C LEU C 197 24.76 -12.40 -24.37
N TYR C 198 25.31 -11.21 -24.42
CA TYR C 198 24.69 -10.12 -23.71
C TYR C 198 24.06 -9.10 -24.67
N THR C 199 23.92 -9.43 -25.97
CA THR C 199 23.54 -8.43 -26.96
C THR C 199 22.02 -8.45 -27.14
N ARG C 200 21.50 -7.36 -27.71
CA ARG C 200 20.10 -7.23 -28.12
C ARG C 200 19.67 -8.42 -28.97
N GLU C 201 20.56 -8.84 -29.89
CA GLU C 201 20.32 -9.91 -30.84
C GLU C 201 20.27 -11.23 -30.10
N PHE C 202 21.18 -11.45 -29.13
CA PHE C 202 21.11 -12.68 -28.37
C PHE C 202 19.79 -12.79 -27.61
N PHE C 203 19.27 -11.68 -27.06
CA PHE C 203 18.06 -11.80 -26.27
C PHE C 203 16.88 -12.08 -27.19
N ALA C 204 16.98 -11.67 -28.48
CA ALA C 204 15.93 -11.98 -29.45
C ALA C 204 15.93 -13.49 -29.73
N LYS C 205 17.14 -14.09 -29.68
CA LYS C 205 17.24 -15.53 -29.85
C LYS C 205 16.69 -16.29 -28.64
N ILE C 206 16.99 -15.76 -27.44
CA ILE C 206 16.50 -16.36 -26.22
C ILE C 206 14.98 -16.41 -26.26
N ARG C 207 14.36 -15.30 -26.67
CA ARG C 207 12.91 -15.25 -26.77
C ARG C 207 12.38 -16.34 -27.70
N ARG C 208 13.16 -16.71 -28.73
CA ARG C 208 12.66 -17.70 -29.69
C ARG C 208 12.67 -19.11 -29.09
N ILE C 209 13.46 -19.35 -28.03
CA ILE C 209 13.46 -20.67 -27.41
C ILE C 209 12.69 -20.69 -26.08
N LEU C 210 11.85 -19.67 -25.83
CA LEU C 210 10.99 -19.70 -24.67
C LEU C 210 9.57 -20.09 -25.09
N ASN C 211 8.86 -20.80 -24.22
CA ASN C 211 7.42 -20.85 -24.28
C ASN C 211 6.81 -19.46 -24.19
N ASP C 212 5.54 -19.35 -24.58
CA ASP C 212 4.85 -18.06 -24.73
C ASP C 212 4.73 -17.37 -23.38
N ASP C 213 4.80 -18.13 -22.28
CA ASP C 213 4.77 -17.53 -20.95
C ASP C 213 6.13 -17.66 -20.23
N GLY C 214 7.23 -17.79 -20.99
CA GLY C 214 8.53 -18.09 -20.40
C GLY C 214 9.18 -16.89 -19.71
N VAL C 215 10.22 -17.18 -18.93
CA VAL C 215 10.95 -16.10 -18.29
C VAL C 215 12.45 -16.31 -18.42
N VAL C 216 13.17 -15.21 -18.57
CA VAL C 216 14.61 -15.25 -18.58
C VAL C 216 15.13 -14.40 -17.43
N VAL C 217 16.25 -14.83 -16.84
CA VAL C 217 16.91 -14.00 -15.85
C VAL C 217 18.41 -14.10 -16.10
N THR C 218 19.10 -12.98 -15.90
CA THR C 218 20.54 -12.91 -16.06
C THR C 218 21.12 -12.01 -14.98
N GLN C 219 22.37 -12.32 -14.55
CA GLN C 219 23.14 -11.32 -13.83
C GLN C 219 23.66 -10.34 -14.89
N ALA C 220 23.79 -9.06 -14.53
CA ALA C 220 24.14 -7.99 -15.46
C ALA C 220 25.25 -7.11 -14.89
N GLY C 221 26.15 -7.72 -14.13
CA GLY C 221 27.30 -6.99 -13.61
C GLY C 221 26.88 -6.12 -12.43
N ASN C 222 27.16 -4.82 -12.51
CA ASN C 222 26.93 -3.92 -11.42
C ASN C 222 26.67 -2.53 -11.99
N SER C 223 25.52 -1.97 -11.64
CA SER C 223 25.08 -0.67 -12.17
C SER C 223 25.83 0.49 -11.53
N PHE C 224 26.47 0.28 -10.37
CA PHE C 224 27.16 1.34 -9.66
C PHE C 224 28.51 1.59 -10.33
N TYR C 225 29.30 0.53 -10.50
CA TYR C 225 30.64 0.64 -11.07
C TYR C 225 30.65 0.56 -12.60
N PHE C 226 29.71 -0.18 -13.20
CA PHE C 226 29.71 -0.40 -14.64
C PHE C 226 28.33 -0.06 -15.23
N PRO C 227 27.88 1.22 -15.08
CA PRO C 227 26.54 1.63 -15.50
C PRO C 227 26.31 1.47 -17.01
N ALA C 228 27.35 1.73 -17.82
CA ALA C 228 27.18 1.67 -19.27
C ALA C 228 26.92 0.23 -19.68
N GLU C 229 27.72 -0.71 -19.17
CA GLU C 229 27.53 -2.11 -19.55
C GLU C 229 26.23 -2.66 -18.97
N TYR C 230 25.84 -2.17 -17.77
CA TYR C 230 24.56 -2.59 -17.22
C TYR C 230 23.43 -2.11 -18.12
N ASP C 231 23.48 -0.82 -18.50
CA ASP C 231 22.45 -0.21 -19.33
C ASP C 231 22.31 -0.92 -20.68
N MET C 232 23.42 -1.40 -21.24
CA MET C 232 23.42 -2.16 -22.47
C MET C 232 22.64 -3.45 -22.32
N VAL C 233 22.87 -4.18 -21.20
CA VAL C 233 22.16 -5.42 -21.01
C VAL C 233 20.68 -5.13 -20.80
N LEU C 234 20.36 -4.13 -19.97
CA LEU C 234 18.97 -3.77 -19.70
C LEU C 234 18.24 -3.44 -21.02
N GLU C 235 18.83 -2.58 -21.86
CA GLU C 235 18.21 -2.18 -23.12
C GLU C 235 17.97 -3.39 -24.02
N GLY C 236 18.91 -4.34 -24.04
CA GLY C 236 18.79 -5.63 -24.70
C GLY C 236 17.58 -6.43 -24.23
N VAL C 237 17.37 -6.52 -22.91
CA VAL C 237 16.25 -7.29 -22.39
C VAL C 237 14.94 -6.55 -22.69
N LYS C 238 14.91 -5.24 -22.51
CA LYS C 238 13.70 -4.43 -22.68
C LYS C 238 13.25 -4.43 -24.14
N ALA C 239 14.19 -4.49 -25.08
CA ALA C 239 13.86 -4.56 -26.50
C ALA C 239 13.04 -5.81 -26.78
N ASN C 240 13.13 -6.84 -25.94
CA ASN C 240 12.69 -8.20 -26.30
C ASN C 240 11.62 -8.74 -25.36
N PHE C 241 11.38 -8.09 -24.22
CA PHE C 241 10.48 -8.67 -23.23
C PHE C 241 9.61 -7.56 -22.69
N PRO C 242 8.28 -7.77 -22.61
CA PRO C 242 7.39 -6.68 -22.16
C PRO C 242 7.42 -6.42 -20.65
N ILE C 243 7.82 -7.41 -19.85
CA ILE C 243 7.96 -7.25 -18.41
C ILE C 243 9.43 -7.44 -18.03
N VAL C 244 9.99 -6.41 -17.37
CA VAL C 244 11.38 -6.46 -16.96
C VAL C 244 11.48 -6.00 -15.51
N ALA C 245 12.05 -6.85 -14.65
CA ALA C 245 12.32 -6.45 -13.27
C ALA C 245 13.82 -6.41 -13.02
N GLU C 246 14.28 -5.38 -12.31
CA GLU C 246 15.68 -5.21 -11.94
C GLU C 246 15.82 -5.29 -10.42
N TYR C 247 16.79 -6.06 -9.94
CA TYR C 247 17.01 -6.14 -8.49
C TYR C 247 18.49 -6.43 -8.25
N GLU C 248 18.96 -6.18 -7.00
CA GLU C 248 20.35 -6.43 -6.72
C GLU C 248 20.50 -7.08 -5.34
N VAL C 249 21.62 -7.77 -5.13
CA VAL C 249 21.94 -8.32 -3.82
C VAL C 249 23.45 -8.20 -3.60
N TRP C 250 23.80 -7.75 -2.39
CA TRP C 250 25.19 -7.62 -2.01
C TRP C 250 25.83 -9.00 -1.83
N ILE C 251 26.92 -9.25 -2.54
CA ILE C 251 27.67 -10.50 -2.45
C ILE C 251 29.04 -10.09 -1.92
N PRO C 252 29.30 -10.32 -0.61
CA PRO C 252 30.51 -9.79 0.00
C PRO C 252 31.77 -10.17 -0.78
N SER C 253 31.84 -11.43 -1.24
CA SER C 253 33.07 -11.91 -1.86
C SER C 253 33.37 -11.22 -3.20
N PHE C 254 32.35 -10.69 -3.89
CA PHE C 254 32.54 -9.96 -5.15
C PHE C 254 32.93 -8.50 -4.92
N GLY C 255 32.62 -7.94 -3.74
CA GLY C 255 32.88 -6.54 -3.47
C GLY C 255 31.72 -5.62 -3.90
N TYR C 256 30.57 -6.18 -4.34
CA TYR C 256 29.49 -5.30 -4.75
C TYR C 256 28.16 -6.06 -4.78
N ALA C 257 27.07 -5.27 -4.99
CA ALA C 257 25.75 -5.81 -5.18
C ALA C 257 25.58 -6.21 -6.64
N VAL C 258 25.44 -7.52 -6.90
CA VAL C 258 25.22 -8.01 -8.23
C VAL C 258 23.85 -7.54 -8.69
N ASN C 259 23.77 -7.07 -9.94
CA ASN C 259 22.50 -6.70 -10.53
C ASN C 259 21.91 -7.87 -11.30
N PHE C 260 20.63 -8.13 -11.11
CA PHE C 260 19.93 -9.14 -11.89
C PHE C 260 18.84 -8.47 -12.73
N ILE C 261 18.60 -9.01 -13.94
CA ILE C 261 17.53 -8.52 -14.79
C ILE C 261 16.68 -9.70 -15.19
N LEU C 262 15.39 -9.60 -14.85
CA LEU C 262 14.45 -10.67 -15.11
C LEU C 262 13.49 -10.17 -16.18
N GLY C 263 13.39 -10.93 -17.28
CA GLY C 263 12.51 -10.60 -18.39
C GLY C 263 11.40 -11.65 -18.47
N SER C 264 10.19 -11.20 -18.69
CA SER C 264 9.07 -12.12 -18.62
C SER C 264 8.10 -11.81 -19.77
N LEU C 265 7.50 -12.86 -20.31
CA LEU C 265 6.57 -12.74 -21.42
C LEU C 265 5.13 -12.61 -20.91
N ARG C 266 4.81 -13.11 -19.69
CA ARG C 266 3.43 -13.05 -19.21
C ARG C 266 3.32 -12.67 -17.73
N TYR C 267 4.07 -13.36 -16.84
CA TYR C 267 3.88 -13.25 -15.41
C TYR C 267 4.80 -12.18 -14.83
N ASP C 268 4.22 -11.34 -13.98
CA ASP C 268 4.89 -10.19 -13.42
C ASP C 268 5.42 -10.57 -12.04
N PRO C 269 6.75 -10.57 -11.80
CA PRO C 269 7.29 -10.84 -10.46
C PRO C 269 6.86 -9.81 -9.42
N HIS C 270 6.48 -8.61 -9.87
CA HIS C 270 6.00 -7.56 -8.97
C HIS C 270 4.64 -7.89 -8.37
N ALA C 271 3.88 -8.75 -9.03
CA ALA C 271 2.51 -9.03 -8.63
C ALA C 271 2.50 -10.18 -7.61
N LEU C 272 3.62 -10.88 -7.44
CA LEU C 272 3.71 -12.04 -6.55
C LEU C 272 3.88 -11.56 -5.10
N THR C 273 3.01 -12.03 -4.20
CA THR C 273 3.00 -11.55 -2.84
C THR C 273 3.98 -12.41 -2.04
N PRO C 274 4.46 -11.96 -0.87
CA PRO C 274 5.26 -12.82 0.01
C PRO C 274 4.60 -14.17 0.27
N SER C 275 3.28 -14.14 0.51
CA SER C 275 2.61 -15.36 0.89
C SER C 275 2.48 -16.37 -0.27
N GLU C 276 2.29 -15.88 -1.50
CA GLU C 276 2.28 -16.72 -2.69
C GLU C 276 3.67 -17.28 -2.98
N VAL C 277 4.74 -16.52 -2.74
CA VAL C 277 6.09 -17.02 -2.92
C VAL C 277 6.33 -18.16 -1.93
N ASP C 278 5.98 -17.95 -0.66
CA ASP C 278 6.19 -18.95 0.36
C ASP C 278 5.41 -20.23 0.05
N GLU C 279 4.17 -20.03 -0.43
CA GLU C 279 3.29 -21.13 -0.77
C GLU C 279 3.89 -21.97 -1.91
N ARG C 280 4.37 -21.32 -2.98
CA ARG C 280 4.94 -22.04 -4.11
C ARG C 280 6.22 -22.77 -3.73
N LEU C 281 7.07 -22.15 -2.87
CA LEU C 281 8.30 -22.81 -2.43
C LEU C 281 7.93 -24.05 -1.63
N ARG C 282 6.96 -23.92 -0.70
CA ARG C 282 6.51 -25.05 0.10
C ARG C 282 5.98 -26.17 -0.82
N ALA C 283 5.05 -25.82 -1.72
CA ALA C 283 4.41 -26.82 -2.55
C ALA C 283 5.45 -27.58 -3.38
N ARG C 284 6.50 -26.87 -3.82
CA ARG C 284 7.48 -27.47 -4.72
C ARG C 284 8.64 -28.14 -3.96
N GLY C 285 8.62 -28.08 -2.62
CA GLY C 285 9.63 -28.69 -1.77
C GLY C 285 10.98 -27.97 -1.79
N VAL C 286 10.97 -26.64 -1.99
CA VAL C 286 12.20 -25.87 -2.13
C VAL C 286 12.66 -25.39 -0.75
N LYS C 287 13.86 -25.81 -0.33
CA LYS C 287 14.41 -25.27 0.91
C LYS C 287 15.54 -24.28 0.57
N THR C 288 15.56 -23.14 1.26
CA THR C 288 16.54 -22.09 0.95
C THR C 288 17.16 -21.61 2.26
N ALA C 289 18.36 -21.03 2.15
CA ALA C 289 19.02 -20.38 3.28
C ALA C 289 18.68 -18.89 3.31
N PHE C 290 18.10 -18.33 2.22
CA PHE C 290 17.99 -16.88 2.11
C PHE C 290 16.64 -16.46 1.55
N TYR C 291 16.33 -16.90 0.33
CA TYR C 291 15.15 -16.46 -0.38
C TYR C 291 13.86 -16.87 0.32
N THR C 292 12.98 -15.89 0.55
CA THR C 292 11.64 -16.12 1.10
C THR C 292 10.71 -15.11 0.42
N GLY C 293 9.42 -15.17 0.73
CA GLY C 293 8.49 -14.20 0.20
C GLY C 293 8.80 -12.76 0.60
N ARG C 294 9.29 -12.56 1.82
CA ARG C 294 9.66 -11.20 2.24
C ARG C 294 10.90 -10.69 1.53
N VAL C 295 11.86 -11.59 1.25
CA VAL C 295 13.03 -11.20 0.47
C VAL C 295 12.58 -10.77 -0.94
N HIS C 296 11.61 -11.52 -1.50
CA HIS C 296 11.10 -11.22 -2.82
C HIS C 296 10.50 -9.82 -2.82
N LEU C 297 9.69 -9.51 -1.80
CA LEU C 297 9.11 -8.19 -1.67
C LEU C 297 10.20 -7.11 -1.62
N ALA C 298 11.23 -7.32 -0.79
CA ALA C 298 12.33 -6.36 -0.75
C ALA C 298 13.03 -6.21 -2.10
N LEU C 299 13.32 -7.32 -2.79
CA LEU C 299 14.02 -7.26 -4.08
C LEU C 299 13.20 -6.46 -5.10
N MET C 300 11.87 -6.57 -5.03
CA MET C 300 10.98 -5.91 -5.96
C MET C 300 10.83 -4.43 -5.62
N ASN C 301 11.28 -3.97 -4.43
CA ASN C 301 10.98 -2.58 -4.07
C ASN C 301 12.25 -1.73 -3.89
N MET C 302 13.42 -2.38 -3.83
CA MET C 302 14.68 -1.70 -3.58
C MET C 302 15.23 -1.23 -4.92
N PRO C 303 15.41 0.09 -5.17
CA PRO C 303 15.99 0.56 -6.44
C PRO C 303 17.46 0.14 -6.47
N ILE C 304 18.03 0.04 -7.66
CA ILE C 304 19.43 -0.39 -7.78
C ILE C 304 20.34 0.81 -7.52
N HIS C 305 21.57 0.54 -7.08
CA HIS C 305 22.52 1.60 -6.78
C HIS C 305 23.11 2.22 -8.05
N ARG C 306 23.32 3.54 -8.03
CA ARG C 306 23.98 4.29 -9.07
C ARG C 306 24.87 5.29 -8.34
N LYS C 307 25.93 5.77 -9.00
CA LYS C 307 26.71 6.86 -8.45
C LYS C 307 25.79 8.08 -8.37
N LEU C 308 25.73 8.73 -7.20
CA LEU C 308 24.73 9.78 -7.05
C LEU C 308 25.32 11.14 -7.36
N ARG C 309 26.64 11.29 -7.37
CA ARG C 309 27.27 12.53 -7.83
C ARG C 309 28.45 12.18 -8.77
N ARG D 22 42.73 -1.30 -14.72
CA ARG D 22 43.86 -1.66 -13.75
C ARG D 22 43.44 -2.78 -12.78
N LYS D 23 44.27 -3.81 -12.63
CA LYS D 23 43.96 -4.88 -11.68
C LYS D 23 44.38 -4.41 -10.28
N VAL D 24 45.52 -3.69 -10.17
CA VAL D 24 45.89 -3.06 -8.93
C VAL D 24 45.78 -1.53 -9.09
N PRO D 25 44.73 -0.88 -8.50
CA PRO D 25 44.48 0.56 -8.67
C PRO D 25 45.72 1.31 -8.20
N GLY D 26 45.94 2.48 -8.80
CA GLY D 26 47.17 3.21 -8.53
C GLY D 26 47.40 4.29 -9.56
N PRO D 27 48.57 4.98 -9.52
CA PRO D 27 49.69 4.57 -8.65
C PRO D 27 49.59 4.82 -7.15
N ILE D 28 48.80 5.82 -6.76
CA ILE D 28 48.62 6.19 -5.35
C ILE D 28 47.27 5.60 -4.94
N THR D 29 47.24 4.93 -3.79
CA THR D 29 46.18 4.02 -3.44
C THR D 29 45.90 4.15 -1.95
N LEU D 30 44.63 4.10 -1.56
CA LEU D 30 44.26 3.96 -0.16
C LEU D 30 43.99 2.46 0.11
N ILE D 31 44.55 1.94 1.19
CA ILE D 31 44.24 0.60 1.63
C ILE D 31 43.24 0.75 2.76
N GLU D 32 41.97 0.49 2.47
CA GLU D 32 40.95 0.67 3.48
C GLU D 32 40.70 -0.68 4.11
N PRO D 33 40.87 -0.82 5.44
CA PRO D 33 40.61 -2.10 6.10
C PRO D 33 39.12 -2.37 6.01
N LEU D 34 38.79 -3.64 5.92
CA LEU D 34 37.42 -4.10 5.91
C LEU D 34 37.29 -5.08 7.10
N SER D 35 37.77 -6.32 6.96
CA SER D 35 37.53 -7.28 8.03
C SER D 35 38.82 -7.65 8.77
N GLY D 36 39.98 -7.15 8.32
CA GLY D 36 41.22 -7.78 8.73
C GLY D 36 41.67 -8.90 7.78
N ASN D 37 40.72 -9.61 7.15
CA ASN D 37 41.09 -10.62 6.17
C ASN D 37 40.76 -10.16 4.72
N THR D 38 40.09 -9.00 4.61
CA THR D 38 39.75 -8.37 3.35
C THR D 38 39.99 -6.88 3.55
N SER D 39 40.60 -6.25 2.55
CA SER D 39 40.73 -4.80 2.49
C SER D 39 40.38 -4.32 1.10
N LEU D 40 40.06 -3.02 0.94
CA LEU D 40 39.81 -2.40 -0.37
C LEU D 40 41.05 -1.62 -0.77
N LEU D 41 41.45 -1.70 -2.05
CA LEU D 41 42.48 -0.86 -2.63
C LEU D 41 41.77 0.16 -3.51
N ILE D 42 41.93 1.45 -3.20
CA ILE D 42 41.12 2.48 -3.84
C ILE D 42 42.07 3.55 -4.37
N LYS D 43 42.04 3.79 -5.66
CA LYS D 43 42.91 4.79 -6.27
C LYS D 43 42.64 6.19 -5.70
N ILE D 44 43.70 6.91 -5.36
CA ILE D 44 43.62 8.29 -4.86
C ILE D 44 44.15 9.26 -5.93
N ASN D 45 43.46 10.39 -6.15
CA ASN D 45 43.88 11.42 -7.11
C ASN D 45 44.58 12.60 -6.42
N ALA D 46 44.19 12.89 -5.17
CA ALA D 46 44.76 14.01 -4.43
C ALA D 46 44.55 13.77 -2.94
N ILE D 47 45.43 14.36 -2.13
CA ILE D 47 45.27 14.41 -0.68
C ILE D 47 45.16 15.89 -0.31
N HIS D 48 44.03 16.28 0.27
CA HIS D 48 43.77 17.67 0.59
C HIS D 48 44.25 18.00 2.00
N SER D 49 44.16 17.05 2.92
CA SER D 49 44.52 17.38 4.29
C SER D 49 44.78 16.09 5.05
N VAL D 50 45.84 16.11 5.85
CA VAL D 50 46.18 15.06 6.79
C VAL D 50 46.32 15.74 8.15
N LYS D 51 45.63 15.23 9.18
CA LYS D 51 45.71 15.85 10.48
C LYS D 51 45.67 14.73 11.50
N LYS D 52 46.73 14.61 12.31
CA LYS D 52 46.69 13.75 13.48
C LYS D 52 46.06 14.55 14.62
N SER D 53 44.79 14.27 14.91
CA SER D 53 44.07 14.97 15.97
C SER D 53 44.35 14.23 17.28
N PRO D 54 44.02 14.80 18.46
CA PRO D 54 44.14 14.06 19.71
C PRO D 54 43.33 12.75 19.72
N TYR D 55 42.34 12.62 18.82
CA TYR D 55 41.46 11.47 18.91
C TYR D 55 41.70 10.45 17.82
N GLN D 56 42.13 10.88 16.62
CA GLN D 56 42.16 9.97 15.50
C GLN D 56 42.92 10.64 14.36
N GLU D 57 43.35 9.83 13.39
CA GLU D 57 44.00 10.34 12.20
C GLU D 57 42.93 10.65 11.14
N ILE D 58 43.01 11.84 10.57
CA ILE D 58 42.02 12.37 9.65
C ILE D 58 42.68 12.61 8.31
N ILE D 59 42.06 12.12 7.23
CA ILE D 59 42.57 12.46 5.91
C ILE D 59 41.35 12.84 5.07
N ILE D 60 41.50 13.91 4.29
CA ILE D 60 40.52 14.26 3.29
C ILE D 60 41.22 14.12 1.95
N ALA D 61 40.58 13.36 1.03
CA ALA D 61 41.26 12.95 -0.17
C ALA D 61 40.24 12.87 -1.29
N ASP D 62 40.71 12.86 -2.54
CA ASP D 62 39.87 12.62 -3.68
C ASP D 62 40.17 11.20 -4.14
N THR D 63 39.13 10.39 -4.31
CA THR D 63 39.28 9.07 -4.89
C THR D 63 38.69 9.13 -6.29
N GLU D 64 39.20 8.31 -7.19
CA GLU D 64 38.65 8.22 -8.53
C GLU D 64 37.22 7.67 -8.52
N ASP D 65 36.95 6.58 -7.78
CA ASP D 65 35.65 5.96 -7.84
C ASP D 65 34.58 6.73 -7.05
N TYR D 66 34.94 7.35 -5.93
CA TYR D 66 33.94 7.81 -4.97
C TYR D 66 34.00 9.33 -4.78
N GLY D 67 34.86 10.00 -5.56
CA GLY D 67 35.06 11.43 -5.34
C GLY D 67 35.70 11.70 -3.99
N ARG D 68 35.37 12.85 -3.43
CA ARG D 68 36.01 13.26 -2.20
C ARG D 68 35.54 12.40 -1.02
N VAL D 69 36.48 12.12 -0.08
CA VAL D 69 36.17 11.26 1.06
C VAL D 69 36.73 11.88 2.34
N LEU D 70 36.05 11.61 3.46
CA LEU D 70 36.64 11.76 4.77
C LEU D 70 37.06 10.36 5.24
N ILE D 71 38.30 10.22 5.71
CA ILE D 71 38.88 9.00 6.21
C ILE D 71 39.30 9.22 7.66
N LEU D 72 38.88 8.33 8.57
CA LEU D 72 39.29 8.38 9.96
C LEU D 72 39.92 7.03 10.32
N ASP D 73 41.19 7.08 10.76
CA ASP D 73 41.97 5.89 11.06
C ASP D 73 41.89 4.87 9.93
N ASP D 74 41.95 5.32 8.67
CA ASP D 74 42.04 4.43 7.51
C ASP D 74 40.67 4.01 6.94
N TYR D 75 39.57 4.31 7.64
CA TYR D 75 38.23 3.96 7.17
C TYR D 75 37.52 5.17 6.56
N ILE D 76 37.04 5.02 5.33
CA ILE D 76 36.20 6.03 4.71
C ILE D 76 34.92 6.17 5.51
N GLN D 77 34.60 7.39 5.93
CA GLN D 77 33.40 7.66 6.72
C GLN D 77 32.32 8.13 5.78
N SER D 78 32.71 8.65 4.61
CA SER D 78 31.74 9.29 3.79
C SER D 78 32.37 9.57 2.43
N SER D 79 31.63 9.40 1.33
CA SER D 79 32.21 9.78 0.07
C SER D 79 31.18 10.64 -0.68
N TYR D 80 31.63 11.54 -1.55
CA TYR D 80 30.72 12.36 -2.33
C TYR D 80 29.74 11.51 -3.13
N VAL D 81 30.20 10.42 -3.77
CA VAL D 81 29.27 9.76 -4.69
C VAL D 81 28.28 8.83 -3.95
N ASP D 82 28.54 8.40 -2.71
CA ASP D 82 27.58 7.46 -2.15
C ASP D 82 27.10 7.84 -0.74
N GLU D 83 27.57 8.96 -0.17
CA GLU D 83 27.21 9.32 1.21
C GLU D 83 25.70 9.45 1.37
N GLN D 84 24.97 9.87 0.34
CA GLN D 84 23.52 10.01 0.48
C GLN D 84 22.82 8.67 0.77
N TYR D 85 23.37 7.57 0.25
CA TYR D 85 22.84 6.26 0.59
C TYR D 85 22.96 6.03 2.09
N TYR D 86 24.12 6.37 2.65
CA TYR D 86 24.34 6.16 4.06
C TYR D 86 23.48 7.11 4.92
N HIS D 87 23.54 8.42 4.62
CA HIS D 87 22.94 9.39 5.52
C HIS D 87 21.41 9.33 5.44
N GLU D 88 20.88 9.09 4.24
CA GLU D 88 19.44 9.03 4.10
C GLU D 88 18.90 7.78 4.79
N SER D 89 19.63 6.67 4.69
CA SER D 89 19.28 5.42 5.37
C SER D 89 19.35 5.54 6.89
N LEU D 90 20.35 6.26 7.40
CA LEU D 90 20.52 6.43 8.84
C LEU D 90 19.37 7.26 9.41
N VAL D 91 18.98 8.32 8.71
CA VAL D 91 18.16 9.39 9.26
C VAL D 91 16.67 9.18 8.96
N HIS D 92 16.30 8.98 7.69
CA HIS D 92 14.89 9.12 7.30
C HIS D 92 13.96 8.03 7.86
N PRO D 93 14.32 6.73 7.93
CA PRO D 93 13.40 5.74 8.52
C PRO D 93 12.97 6.14 9.93
N ALA D 94 13.92 6.57 10.78
CA ALA D 94 13.63 6.99 12.14
C ALA D 94 12.74 8.22 12.17
N MET D 95 13.13 9.26 11.41
CA MET D 95 12.43 10.53 11.42
C MET D 95 11.02 10.37 10.87
N ALA D 96 10.88 9.53 9.82
CA ALA D 96 9.57 9.31 9.21
C ALA D 96 8.69 8.46 10.13
N THR D 97 9.30 7.58 10.92
CA THR D 97 8.53 6.77 11.84
C THR D 97 7.89 7.65 12.93
N HIS D 98 8.63 8.64 13.41
CA HIS D 98 8.13 9.52 14.44
C HIS D 98 7.12 10.45 13.79
N PRO D 99 5.87 10.53 14.29
CA PRO D 99 4.85 11.39 13.66
C PRO D 99 5.15 12.89 13.77
N ASN D 100 6.03 13.30 14.71
CA ASN D 100 6.22 14.73 14.89
C ASN D 100 7.58 15.04 15.54
N PRO D 101 8.73 14.78 14.86
CA PRO D 101 10.03 14.95 15.52
C PRO D 101 10.37 16.45 15.57
N ARG D 102 10.48 16.99 16.78
CA ARG D 102 10.70 18.42 16.94
C ARG D 102 12.12 18.66 17.46
N ASP D 103 12.60 17.78 18.35
CA ASP D 103 13.91 17.87 18.95
C ASP D 103 14.73 16.62 18.60
N VAL D 104 15.90 16.84 17.97
CA VAL D 104 16.75 15.79 17.44
C VAL D 104 18.15 15.94 18.04
N LEU D 105 18.69 14.83 18.54
CA LEU D 105 20.08 14.78 18.95
C LEU D 105 20.86 13.82 18.04
N ILE D 106 22.02 14.27 17.58
CA ILE D 106 22.92 13.47 16.78
C ILE D 106 24.23 13.33 17.53
N LEU D 107 24.67 12.09 17.78
CA LEU D 107 25.98 11.85 18.35
C LEU D 107 26.91 11.41 17.21
N GLY D 108 28.04 12.10 17.07
CA GLY D 108 28.95 11.89 15.94
C GLY D 108 28.57 12.78 14.77
N GLY D 109 28.63 12.23 13.55
CA GLY D 109 28.15 12.94 12.37
C GLY D 109 29.01 14.15 12.02
N GLY D 110 30.33 14.03 12.27
CA GLY D 110 31.27 15.13 12.19
C GLY D 110 31.32 15.84 10.84
N GLU D 111 31.02 15.17 9.72
CA GLU D 111 31.03 15.89 8.44
C GLU D 111 29.76 16.72 8.23
N GLY D 112 28.71 16.50 9.03
CA GLY D 112 27.55 17.39 8.96
C GLY D 112 26.41 16.91 8.07
N ALA D 113 26.59 15.75 7.42
CA ALA D 113 25.59 15.25 6.47
C ALA D 113 24.37 14.67 7.20
N THR D 114 24.56 14.08 8.39
CA THR D 114 23.46 13.58 9.20
C THR D 114 22.57 14.74 9.63
N LEU D 115 23.20 15.79 10.14
CA LEU D 115 22.53 17.04 10.49
C LEU D 115 21.77 17.59 9.29
N ARG D 116 22.42 17.64 8.12
CA ARG D 116 21.77 18.07 6.89
C ARG D 116 20.47 17.29 6.64
N GLU D 117 20.51 15.96 6.78
CA GLU D 117 19.33 15.16 6.47
C GLU D 117 18.24 15.39 7.50
N ALA D 118 18.62 15.46 8.79
CA ALA D 118 17.62 15.63 9.84
C ALA D 118 16.89 16.98 9.72
N LEU D 119 17.64 18.04 9.38
CA LEU D 119 17.08 19.39 9.29
C LEU D 119 16.06 19.50 8.13
N LYS D 120 16.08 18.56 7.18
CA LYS D 120 15.15 18.63 6.08
C LYS D 120 13.70 18.47 6.56
N HIS D 121 13.51 17.77 7.70
CA HIS D 121 12.18 17.61 8.27
C HIS D 121 11.68 18.95 8.84
N GLY D 122 10.62 19.49 8.22
CA GLY D 122 10.05 20.78 8.53
C GLY D 122 9.53 20.85 9.97
N THR D 123 9.30 19.70 10.60
CA THR D 123 8.80 19.68 11.97
C THR D 123 9.90 19.98 12.97
N VAL D 124 11.18 19.86 12.56
CA VAL D 124 12.28 19.94 13.50
C VAL D 124 12.46 21.40 13.94
N LYS D 125 12.52 21.64 15.24
CA LYS D 125 12.67 22.99 15.77
C LYS D 125 14.07 23.12 16.35
N ARG D 126 14.66 22.01 16.77
CA ARG D 126 15.95 22.06 17.44
C ARG D 126 16.71 20.76 17.10
N ALA D 127 17.96 20.90 16.66
CA ALA D 127 18.85 19.81 16.31
C ALA D 127 20.19 20.07 16.95
N VAL D 128 20.62 19.16 17.81
CA VAL D 128 21.94 19.27 18.40
C VAL D 128 22.82 18.16 17.82
N MET D 129 24.03 18.53 17.44
CA MET D 129 25.02 17.59 16.95
C MET D 129 26.22 17.67 17.89
N VAL D 130 26.64 16.53 18.43
CA VAL D 130 27.72 16.45 19.39
C VAL D 130 28.81 15.55 18.78
N ASP D 131 29.99 16.10 18.48
CA ASP D 131 31.13 15.31 18.03
C ASP D 131 32.31 15.57 18.97
N ILE D 132 33.10 14.54 19.26
CA ILE D 132 34.20 14.66 20.20
C ILE D 132 35.38 15.41 19.59
N ASP D 133 35.43 15.53 18.25
CA ASP D 133 36.67 15.91 17.57
C ASP D 133 36.49 17.18 16.75
N ARG D 134 36.92 18.31 17.32
CA ARG D 134 36.74 19.59 16.65
C ARG D 134 37.43 19.60 15.28
N ASP D 135 38.56 18.87 15.14
CA ASP D 135 39.29 18.87 13.87
C ASP D 135 38.45 18.27 12.74
N VAL D 136 37.62 17.25 13.05
CA VAL D 136 36.79 16.67 12.00
C VAL D 136 35.78 17.72 11.53
N VAL D 137 35.08 18.36 12.48
CA VAL D 137 34.07 19.35 12.12
C VAL D 137 34.71 20.45 11.28
N GLU D 138 35.89 20.95 11.69
CA GLU D 138 36.52 22.08 11.01
C GLU D 138 37.02 21.71 9.61
N LEU D 139 37.62 20.54 9.48
CA LEU D 139 38.10 20.11 8.17
C LEU D 139 36.91 19.84 7.24
N SER D 140 35.78 19.33 7.79
CA SER D 140 34.59 19.17 6.96
C SER D 140 34.08 20.52 6.51
N ARG D 141 33.99 21.47 7.45
CA ARG D 141 33.57 22.80 7.09
C ARG D 141 34.35 23.30 5.88
N ALA D 142 35.69 23.16 5.93
CA ALA D 142 36.59 23.66 4.90
C ALA D 142 36.59 22.80 3.62
N TYR D 143 36.58 21.46 3.73
CA TYR D 143 36.89 20.67 2.56
C TYR D 143 35.74 19.79 2.04
N LEU D 144 34.65 19.65 2.81
CA LEU D 144 33.55 18.80 2.38
C LEU D 144 32.24 19.60 2.28
N PRO D 145 32.18 20.70 1.49
CA PRO D 145 30.97 21.52 1.42
C PRO D 145 29.75 20.75 0.93
N GLN D 146 29.95 19.73 0.09
CA GLN D 146 28.78 18.99 -0.41
C GLN D 146 28.24 18.05 0.66
N MET D 147 28.94 17.91 1.77
CA MET D 147 28.43 17.08 2.85
C MET D 147 27.48 17.92 3.72
N HIS D 148 27.99 18.98 4.37
CA HIS D 148 27.22 19.73 5.33
C HIS D 148 26.19 20.60 4.60
N GLN D 149 26.57 21.10 3.42
CA GLN D 149 25.74 22.05 2.68
C GLN D 149 25.20 23.19 3.55
N GLY D 150 25.98 23.69 4.51
CA GLY D 150 25.55 24.82 5.33
C GLY D 150 24.77 24.44 6.59
N ALA D 151 24.51 23.13 6.77
CA ALA D 151 23.77 22.62 7.92
C ALA D 151 24.33 23.13 9.25
N PHE D 152 25.65 23.31 9.34
CA PHE D 152 26.26 23.69 10.60
C PHE D 152 25.76 25.06 11.06
N ASP D 153 25.32 25.92 10.11
CA ASP D 153 24.94 27.28 10.45
C ASP D 153 23.43 27.50 10.37
N ASP D 154 22.64 26.43 10.24
CA ASP D 154 21.20 26.55 10.32
C ASP D 154 20.83 27.05 11.72
N PRO D 155 19.95 28.08 11.82
CA PRO D 155 19.51 28.60 13.12
C PRO D 155 18.87 27.53 14.02
N ARG D 156 18.37 26.43 13.43
CA ARG D 156 17.79 25.36 14.25
C ARG D 156 18.89 24.49 14.86
N ALA D 157 20.13 24.60 14.35
CA ALA D 157 21.16 23.65 14.73
C ALA D 157 22.07 24.22 15.83
N LYS D 158 22.63 23.34 16.65
CA LYS D 158 23.70 23.66 17.57
C LYS D 158 24.76 22.57 17.46
N VAL D 159 26.02 22.96 17.24
CA VAL D 159 27.14 22.05 17.18
C VAL D 159 27.93 22.11 18.50
N VAL D 160 28.05 20.99 19.20
CA VAL D 160 28.74 20.93 20.48
C VAL D 160 29.92 19.99 20.31
N ILE D 161 31.12 20.45 20.68
CA ILE D 161 32.30 19.61 20.69
C ILE D 161 32.47 18.95 22.06
N GLN D 162 32.21 17.65 22.15
CA GLN D 162 32.26 16.97 23.44
C GLN D 162 32.12 15.48 23.17
N ASP D 163 32.69 14.66 24.06
CA ASP D 163 32.39 13.25 24.15
C ASP D 163 30.88 13.08 24.33
N GLY D 164 30.26 12.29 23.44
CA GLY D 164 28.81 12.07 23.49
C GLY D 164 28.40 11.41 24.81
N PHE D 165 29.29 10.64 25.42
CA PHE D 165 29.04 9.99 26.70
C PHE D 165 28.79 11.01 27.81
N VAL D 166 29.69 12.00 27.95
CA VAL D 166 29.58 13.11 28.88
C VAL D 166 28.36 13.96 28.55
N TYR D 167 28.14 14.24 27.25
CA TYR D 167 26.98 15.04 26.87
C TYR D 167 25.69 14.40 27.36
N VAL D 168 25.59 13.07 27.21
CA VAL D 168 24.33 12.44 27.57
C VAL D 168 24.16 12.40 29.10
N GLU D 169 25.25 12.20 29.84
CA GLU D 169 25.21 12.24 31.30
C GLU D 169 24.74 13.62 31.77
N GLU D 170 25.26 14.67 31.12
CA GLU D 170 24.84 16.03 31.45
C GLU D 170 23.39 16.26 31.04
N ALA D 171 22.92 15.61 29.97
CA ALA D 171 21.54 15.81 29.55
C ALA D 171 20.58 15.20 30.58
N ILE D 172 20.95 14.04 31.12
CA ILE D 172 20.14 13.37 32.12
C ILE D 172 20.02 14.27 33.37
N LYS D 173 21.15 14.81 33.85
CA LYS D 173 21.18 15.73 34.99
C LYS D 173 20.27 16.94 34.75
N ALA D 174 20.34 17.52 33.55
CA ALA D 174 19.53 18.71 33.24
C ALA D 174 18.08 18.35 32.93
N GLY D 175 17.74 17.05 32.82
CA GLY D 175 16.42 16.60 32.42
C GLY D 175 16.04 16.92 30.96
N ASP D 176 17.02 17.00 30.06
CA ASP D 176 16.77 17.27 28.64
C ASP D 176 16.09 16.05 27.99
N LYS D 177 15.25 16.33 27.00
CA LYS D 177 14.49 15.30 26.31
C LYS D 177 14.50 15.53 24.81
N TYR D 178 14.60 14.41 24.04
CA TYR D 178 14.57 14.45 22.58
C TYR D 178 13.53 13.52 22.01
N ASP D 179 13.04 13.84 20.81
CA ASP D 179 12.14 12.98 20.04
C ASP D 179 12.92 11.89 19.31
N VAL D 180 14.05 12.27 18.69
CA VAL D 180 14.80 11.31 17.88
C VAL D 180 16.28 11.48 18.20
N ILE D 181 16.94 10.37 18.52
CA ILE D 181 18.37 10.37 18.72
C ILE D 181 19.02 9.51 17.63
N ILE D 182 19.98 10.09 16.93
CA ILE D 182 20.65 9.44 15.81
C ILE D 182 22.13 9.26 16.20
N MET D 183 22.60 8.01 16.20
CA MET D 183 24.02 7.83 16.50
C MET D 183 24.79 7.51 15.22
N ASP D 184 25.69 8.44 14.87
CA ASP D 184 26.50 8.39 13.67
C ASP D 184 27.96 8.40 14.07
N LEU D 185 28.40 7.32 14.72
CA LEU D 185 29.72 7.21 15.34
C LEU D 185 30.66 6.38 14.48
N THR D 186 31.94 6.42 14.85
CA THR D 186 32.90 5.47 14.29
C THR D 186 32.48 4.06 14.72
N ASP D 187 33.02 3.04 14.03
CA ASP D 187 32.46 1.70 14.09
C ASP D 187 32.64 1.06 15.47
N PRO D 188 31.67 0.23 15.92
CA PRO D 188 31.77 -0.47 17.21
C PRO D 188 32.83 -1.58 17.19
N TYR D 189 33.32 -1.95 16.00
CA TYR D 189 34.27 -3.06 15.97
C TYR D 189 35.71 -2.52 15.90
N SER D 190 35.89 -1.20 15.80
CA SER D 190 37.25 -0.76 15.53
C SER D 190 37.59 0.47 16.36
N SER D 191 36.59 1.14 16.95
CA SER D 191 36.82 2.50 17.43
C SER D 191 36.87 2.55 18.96
N ASP D 192 38.03 2.91 19.48
CA ASP D 192 38.18 3.04 20.93
C ASP D 192 37.39 4.24 21.45
N ILE D 193 37.41 5.36 20.73
CA ILE D 193 36.74 6.56 21.21
C ILE D 193 35.22 6.37 21.30
N ALA D 194 34.65 5.44 20.51
CA ALA D 194 33.19 5.35 20.49
C ALA D 194 32.68 4.21 21.35
N LYS D 195 33.57 3.37 21.88
CA LYS D 195 33.19 2.07 22.45
C LYS D 195 32.19 2.16 23.60
N GLN D 196 32.29 3.19 24.45
CA GLN D 196 31.39 3.27 25.59
C GLN D 196 29.97 3.65 25.14
N LEU D 197 29.82 4.13 23.90
CA LEU D 197 28.51 4.58 23.45
C LEU D 197 27.71 3.42 22.86
N TYR D 198 28.30 2.23 22.83
CA TYR D 198 27.61 1.13 22.22
C TYR D 198 27.15 0.11 23.27
N THR D 199 27.16 0.45 24.56
CA THR D 199 26.91 -0.56 25.60
C THR D 199 25.42 -0.56 25.96
N ARG D 200 24.99 -1.65 26.58
CA ARG D 200 23.67 -1.80 27.18
C ARG D 200 23.36 -0.62 28.10
N GLU D 201 24.35 -0.20 28.90
CA GLU D 201 24.21 0.89 29.86
C GLU D 201 24.04 2.22 29.12
N PHE D 202 24.82 2.44 28.05
CA PHE D 202 24.63 3.67 27.30
C PHE D 202 23.21 3.75 26.71
N PHE D 203 22.66 2.62 26.23
CA PHE D 203 21.34 2.70 25.60
C PHE D 203 20.29 2.98 26.67
N ALA D 204 20.56 2.58 27.93
CA ALA D 204 19.66 2.88 29.04
C ALA D 204 19.67 4.39 29.31
N LYS D 205 20.83 5.01 29.11
CA LYS D 205 20.95 6.46 29.28
C LYS D 205 20.23 7.18 28.14
N ILE D 206 20.36 6.66 26.91
CA ILE D 206 19.69 7.24 25.77
C ILE D 206 18.20 7.25 26.04
N ARG D 207 17.66 6.14 26.52
CA ARG D 207 16.23 6.07 26.81
C ARG D 207 15.84 7.13 27.84
N ARG D 208 16.74 7.52 28.74
CA ARG D 208 16.37 8.47 29.78
C ARG D 208 16.28 9.89 29.20
N ILE D 209 16.90 10.15 28.03
CA ILE D 209 16.78 11.48 27.43
C ILE D 209 15.84 11.48 26.23
N LEU D 210 15.00 10.44 26.10
CA LEU D 210 13.98 10.44 25.06
C LEU D 210 12.64 10.79 25.69
N ASN D 211 11.78 11.48 24.92
CA ASN D 211 10.36 11.52 25.22
C ASN D 211 9.77 10.10 25.21
N ASP D 212 8.58 9.97 25.81
CA ASP D 212 7.92 8.69 26.04
C ASP D 212 7.68 7.95 24.72
N ASP D 213 7.56 8.68 23.62
CA ASP D 213 7.35 8.09 22.31
C ASP D 213 8.58 8.25 21.40
N GLY D 214 9.78 8.41 21.97
CA GLY D 214 10.98 8.75 21.21
C GLY D 214 11.55 7.57 20.40
N VAL D 215 12.45 7.88 19.46
CA VAL D 215 13.11 6.81 18.72
C VAL D 215 14.63 7.06 18.65
N VAL D 216 15.39 5.96 18.73
CA VAL D 216 16.82 6.03 18.51
C VAL D 216 17.18 5.19 17.29
N VAL D 217 18.20 5.62 16.57
CA VAL D 217 18.76 4.81 15.51
C VAL D 217 20.27 4.93 15.57
N THR D 218 20.96 3.80 15.33
CA THR D 218 22.40 3.78 15.27
C THR D 218 22.86 2.91 14.10
N GLN D 219 24.01 3.24 13.51
CA GLN D 219 24.70 2.26 12.69
C GLN D 219 25.39 1.29 13.64
N ALA D 220 25.52 0.00 13.27
CA ALA D 220 26.02 -1.04 14.14
C ALA D 220 27.10 -1.88 13.47
N GLY D 221 27.88 -1.25 12.59
CA GLY D 221 28.96 -1.95 11.91
C GLY D 221 28.40 -2.83 10.80
N ASN D 222 28.76 -4.10 10.84
CA ASN D 222 28.40 -5.01 9.76
C ASN D 222 28.28 -6.41 10.37
N SER D 223 27.11 -7.03 10.20
CA SER D 223 26.78 -8.32 10.80
C SER D 223 27.44 -9.45 10.03
N PHE D 224 27.92 -9.23 8.80
CA PHE D 224 28.52 -10.30 8.02
C PHE D 224 29.97 -10.49 8.50
N TYR D 225 30.75 -9.41 8.54
CA TYR D 225 32.15 -9.48 8.90
C TYR D 225 32.38 -9.38 10.42
N PHE D 226 31.49 -8.68 11.15
CA PHE D 226 31.68 -8.46 12.59
C PHE D 226 30.42 -8.85 13.35
N PRO D 227 29.98 -10.12 13.25
CA PRO D 227 28.72 -10.58 13.85
C PRO D 227 28.71 -10.44 15.38
N ALA D 228 29.86 -10.69 16.04
CA ALA D 228 29.84 -10.65 17.50
C ALA D 228 29.61 -9.22 17.97
N GLU D 229 30.32 -8.25 17.39
CA GLU D 229 30.14 -6.86 17.78
C GLU D 229 28.74 -6.36 17.39
N TYR D 230 28.22 -6.82 16.24
CA TYR D 230 26.87 -6.44 15.87
C TYR D 230 25.86 -6.97 16.91
N ASP D 231 25.99 -8.25 17.24
CA ASP D 231 25.09 -8.90 18.18
C ASP D 231 25.09 -8.22 19.56
N MET D 232 26.25 -7.75 20.00
CA MET D 232 26.37 -7.00 21.24
C MET D 232 25.58 -5.69 21.17
N VAL D 233 25.66 -4.97 20.04
CA VAL D 233 24.91 -3.72 19.93
C VAL D 233 23.42 -4.03 19.94
N LEU D 234 23.01 -5.03 19.13
CA LEU D 234 21.61 -5.40 19.05
C LEU D 234 21.03 -5.75 20.44
N GLU D 235 21.74 -6.61 21.19
CA GLU D 235 21.23 -7.04 22.50
C GLU D 235 21.13 -5.85 23.47
N GLY D 236 22.07 -4.90 23.39
CA GLY D 236 22.00 -3.64 24.11
C GLY D 236 20.77 -2.79 23.76
N VAL D 237 20.40 -2.70 22.46
CA VAL D 237 19.23 -1.92 22.09
C VAL D 237 17.96 -2.65 22.58
N LYS D 238 17.91 -3.97 22.38
CA LYS D 238 16.75 -4.77 22.70
C LYS D 238 16.47 -4.76 24.20
N ALA D 239 17.52 -4.70 25.03
CA ALA D 239 17.36 -4.64 26.47
C ALA D 239 16.57 -3.39 26.86
N ASN D 240 16.57 -2.35 26.01
CA ASN D 240 16.14 -1.02 26.42
C ASN D 240 14.94 -0.50 25.64
N PHE D 241 14.58 -1.16 24.53
CA PHE D 241 13.53 -0.61 23.69
C PHE D 241 12.62 -1.74 23.29
N PRO D 242 11.28 -1.57 23.40
CA PRO D 242 10.34 -2.63 23.08
C PRO D 242 10.18 -2.92 21.57
N ILE D 243 10.49 -1.93 20.72
CA ILE D 243 10.41 -2.11 19.27
C ILE D 243 11.81 -1.91 18.69
N VAL D 244 12.29 -2.92 17.97
CA VAL D 244 13.63 -2.87 17.38
C VAL D 244 13.57 -3.34 15.94
N ALA D 245 13.98 -2.47 14.99
CA ALA D 245 14.05 -2.85 13.57
C ALA D 245 15.52 -2.87 13.13
N GLU D 246 15.89 -3.85 12.30
CA GLU D 246 17.23 -4.03 11.78
C GLU D 246 17.19 -3.92 10.26
N TYR D 247 18.09 -3.14 9.65
CA TYR D 247 18.09 -3.01 8.21
C TYR D 247 19.50 -2.68 7.75
N GLU D 248 19.80 -2.97 6.49
CA GLU D 248 21.15 -2.72 6.02
C GLU D 248 21.12 -2.12 4.61
N VAL D 249 22.19 -1.42 4.23
CA VAL D 249 22.28 -0.84 2.91
C VAL D 249 23.75 -0.91 2.48
N TRP D 250 23.96 -1.35 1.24
CA TRP D 250 25.29 -1.42 0.66
C TRP D 250 25.83 0.00 0.41
N ILE D 251 27.00 0.29 0.95
CA ILE D 251 27.70 1.54 0.77
C ILE D 251 29.00 1.18 0.04
N PRO D 252 29.06 1.40 -1.29
CA PRO D 252 30.19 0.92 -2.09
C PRO D 252 31.53 1.32 -1.48
N SER D 253 31.64 2.58 -1.02
CA SER D 253 32.93 3.10 -0.58
C SER D 253 33.44 2.41 0.70
N PHE D 254 32.54 1.85 1.52
CA PHE D 254 32.91 1.14 2.74
C PHE D 254 33.29 -0.32 2.46
N GLY D 255 32.83 -0.89 1.34
CA GLY D 255 33.08 -2.29 1.03
C GLY D 255 32.02 -3.23 1.60
N TYR D 256 30.95 -2.70 2.20
CA TYR D 256 29.96 -3.58 2.80
C TYR D 256 28.62 -2.87 3.00
N ALA D 257 27.62 -3.70 3.38
CA ALA D 257 26.31 -3.21 3.76
C ALA D 257 26.34 -2.79 5.22
N VAL D 258 26.17 -1.48 5.48
CA VAL D 258 26.14 -0.98 6.85
C VAL D 258 24.85 -1.50 7.48
N ASN D 259 24.94 -1.99 8.72
CA ASN D 259 23.77 -2.39 9.47
C ASN D 259 23.26 -1.23 10.33
N PHE D 260 21.95 -0.99 10.33
CA PHE D 260 21.37 0.01 11.19
C PHE D 260 20.40 -0.68 12.16
N ILE D 261 20.26 -0.12 13.37
CA ILE D 261 19.34 -0.66 14.37
C ILE D 261 18.52 0.52 14.85
N LEU D 262 17.20 0.40 14.71
CA LEU D 262 16.28 1.43 15.09
C LEU D 262 15.50 0.91 16.30
N GLY D 263 15.56 1.65 17.42
CA GLY D 263 14.87 1.33 18.64
C GLY D 263 13.74 2.34 18.85
N SER D 264 12.54 1.86 19.18
CA SER D 264 11.43 2.77 19.33
C SER D 264 10.66 2.45 20.61
N LEU D 265 10.11 3.50 21.23
CA LEU D 265 9.33 3.38 22.44
C LEU D 265 7.84 3.20 22.15
N ARG D 266 7.35 3.66 20.98
CA ARG D 266 5.91 3.59 20.72
C ARG D 266 5.59 3.23 19.27
N TYR D 267 6.20 3.92 18.30
CA TYR D 267 5.81 3.83 16.89
C TYR D 267 6.67 2.80 16.16
N ASP D 268 6.02 1.94 15.40
CA ASP D 268 6.65 0.81 14.77
C ASP D 268 6.94 1.16 13.32
N PRO D 269 8.21 1.19 12.90
CA PRO D 269 8.53 1.45 11.47
C PRO D 269 7.96 0.38 10.52
N HIS D 270 7.72 -0.83 11.04
CA HIS D 270 7.16 -1.91 10.24
C HIS D 270 5.70 -1.67 9.88
N ALA D 271 5.01 -0.76 10.59
CA ALA D 271 3.60 -0.54 10.38
C ALA D 271 3.36 0.50 9.29
N LEU D 272 4.40 1.17 8.82
CA LEU D 272 4.25 2.30 7.91
C LEU D 272 4.09 1.80 6.47
N THR D 273 3.04 2.26 5.77
CA THR D 273 2.88 1.90 4.37
C THR D 273 3.77 2.82 3.52
N PRO D 274 4.13 2.43 2.27
CA PRO D 274 4.86 3.33 1.37
C PRO D 274 4.14 4.67 1.23
N SER D 275 2.82 4.64 1.14
CA SER D 275 2.01 5.86 0.96
C SER D 275 2.10 6.82 2.14
N GLU D 276 2.05 6.29 3.36
CA GLU D 276 2.21 7.08 4.57
C GLU D 276 3.62 7.68 4.68
N VAL D 277 4.65 6.92 4.29
CA VAL D 277 6.00 7.45 4.29
C VAL D 277 6.09 8.64 3.31
N ASP D 278 5.59 8.45 2.10
CA ASP D 278 5.65 9.46 1.06
C ASP D 278 4.87 10.71 1.47
N GLU D 279 3.73 10.49 2.13
CA GLU D 279 2.89 11.60 2.57
C GLU D 279 3.61 12.42 3.63
N ARG D 280 4.25 11.78 4.61
CA ARG D 280 4.97 12.49 5.65
C ARG D 280 6.16 13.27 5.08
N LEU D 281 6.90 12.66 4.12
CA LEU D 281 8.02 13.32 3.50
C LEU D 281 7.53 14.57 2.76
N ARG D 282 6.44 14.45 1.99
CA ARG D 282 5.84 15.56 1.27
C ARG D 282 5.45 16.66 2.26
N ALA D 283 4.68 16.31 3.30
CA ALA D 283 4.14 17.30 4.21
C ALA D 283 5.29 18.07 4.88
N ARG D 284 6.42 17.38 5.11
CA ARG D 284 7.52 17.99 5.86
C ARG D 284 8.52 18.69 4.93
N GLY D 285 8.30 18.61 3.61
CA GLY D 285 9.18 19.23 2.61
C GLY D 285 10.52 18.52 2.44
N VAL D 286 10.56 17.19 2.67
CA VAL D 286 11.81 16.43 2.61
C VAL D 286 12.07 15.96 1.18
N LYS D 287 13.18 16.39 0.59
CA LYS D 287 13.57 15.87 -0.71
C LYS D 287 14.79 14.97 -0.51
N THR D 288 14.81 13.85 -1.22
CA THR D 288 15.84 12.84 -1.04
C THR D 288 16.30 12.38 -2.43
N ALA D 289 17.50 11.78 -2.48
CA ALA D 289 17.99 11.16 -3.70
C ALA D 289 17.66 9.67 -3.71
N PHE D 290 17.27 9.09 -2.56
CA PHE D 290 17.19 7.64 -2.43
C PHE D 290 15.94 7.20 -1.67
N TYR D 291 15.79 7.63 -0.41
CA TYR D 291 14.72 7.17 0.46
C TYR D 291 13.35 7.58 -0.05
N THR D 292 12.44 6.61 -0.16
CA THR D 292 11.03 6.81 -0.48
C THR D 292 10.25 5.76 0.32
N GLY D 293 8.93 5.75 0.21
CA GLY D 293 8.07 4.77 0.87
C GLY D 293 8.40 3.34 0.44
N ARG D 294 8.72 3.13 -0.84
CA ARG D 294 9.05 1.80 -1.31
C ARG D 294 10.40 1.35 -0.78
N VAL D 295 11.37 2.26 -0.67
CA VAL D 295 12.66 1.93 -0.07
C VAL D 295 12.44 1.51 1.38
N HIS D 296 11.55 2.22 2.09
CA HIS D 296 11.25 1.91 3.48
C HIS D 296 10.70 0.50 3.58
N LEU D 297 9.76 0.15 2.69
CA LEU D 297 9.21 -1.19 2.66
C LEU D 297 10.32 -2.23 2.43
N ALA D 298 11.21 -1.98 1.46
CA ALA D 298 12.32 -2.91 1.25
C ALA D 298 13.23 -3.03 2.46
N LEU D 299 13.58 -1.90 3.11
CA LEU D 299 14.46 -1.93 4.27
C LEU D 299 13.85 -2.75 5.40
N MET D 300 12.53 -2.67 5.55
CA MET D 300 11.80 -3.38 6.60
C MET D 300 11.64 -4.86 6.26
N ASN D 301 11.92 -5.30 5.03
CA ASN D 301 11.63 -6.69 4.68
C ASN D 301 12.88 -7.50 4.35
N MET D 302 14.01 -6.84 4.11
CA MET D 302 15.24 -7.48 3.69
C MET D 302 15.98 -7.94 4.95
N PRO D 303 16.25 -9.27 5.15
CA PRO D 303 17.01 -9.72 6.32
C PRO D 303 18.46 -9.25 6.13
N ILE D 304 19.20 -9.15 7.23
CA ILE D 304 20.59 -8.72 7.17
C ILE D 304 21.45 -9.91 6.76
N HIS D 305 22.63 -9.63 6.18
CA HIS D 305 23.55 -10.65 5.73
C HIS D 305 24.32 -11.23 6.92
N ARG D 306 24.54 -12.54 6.87
CA ARG D 306 25.34 -13.30 7.82
C ARG D 306 26.14 -14.27 6.96
N LYS D 307 27.31 -14.70 7.45
CA LYS D 307 28.05 -15.77 6.80
C LYS D 307 27.17 -17.02 6.80
N LEU D 308 26.99 -17.65 5.65
CA LEU D 308 26.01 -18.75 5.60
C LEU D 308 26.67 -20.10 5.88
N ARG D 309 27.99 -20.21 5.70
CA ARG D 309 28.67 -21.44 6.09
C ARG D 309 29.87 -21.08 6.99
CS MTA E . -30.70 -11.87 11.73
S5' MTA E . -29.22 -11.21 12.43
C5' MTA E . -29.69 -10.62 14.06
C4' MTA E . -29.88 -11.75 15.09
O4' MTA E . -29.56 -11.30 16.43
C2' MTA E . -31.56 -12.30 16.68
O2' MTA E . -32.21 -13.46 17.23
C3' MTA E . -31.29 -12.33 15.18
O3' MTA E . -31.35 -13.70 14.63
C1' MTA E . -30.17 -12.22 17.25
N9 MTA E . -30.17 -11.64 18.61
C8 MTA E . -30.84 -10.57 19.12
N7 MTA E . -30.50 -10.32 20.43
C5 MTA E . -29.67 -11.30 20.76
C6 MTA E . -28.99 -11.66 21.99
N6 MTA E . -29.20 -10.93 23.11
N1 MTA E . -28.15 -12.70 21.93
C2 MTA E . -27.96 -13.46 20.82
N3 MTA E . -28.57 -13.16 19.64
C4 MTA E . -29.41 -12.15 19.59
N AG3 F . -28.23 -7.62 11.37
CA AG3 F . -28.96 -6.43 11.81
CB AG3 F . -29.06 -5.37 10.72
CG AG3 F . -30.47 -5.16 10.25
CD AG3 F . -30.94 -3.74 10.43
NE AG3 F . -31.90 -3.61 9.36
CZ AG3 F . -32.78 -2.66 9.16
NH1 AG3 F . -33.59 -2.81 8.12
NH2 AG3 F . -32.91 -1.61 9.97
C7 AG3 F . -29.04 -8.53 10.56
C8 AG3 F . -28.35 -9.08 9.34
C9 AG3 F . -28.10 -10.53 9.52
N10 AG3 F . -26.91 -11.09 8.91
N1 EPE G . 1.81 -5.20 8.67
C2 EPE G . 2.87 -5.68 7.72
C3 EPE G . 3.50 -4.46 7.04
N4 EPE G . 2.51 -3.43 6.63
C5 EPE G . 1.48 -3.12 7.64
C6 EPE G . 0.78 -4.38 8.04
C7 EPE G . 3.18 -2.20 6.21
C8 EPE G . 2.42 -1.63 5.01
O8 EPE G . 3.02 -2.18 3.80
C9 EPE G . 1.13 -6.31 9.25
C10 EPE G . 1.57 -6.52 10.70
S EPE G . 0.72 -7.88 11.25
O1S EPE G . 1.23 -9.17 10.70
O2S EPE G . 0.79 -7.96 12.72
O3S EPE G . -0.68 -7.70 10.79
CS MTA H . -33.06 20.72 -9.35
S5' MTA H . -31.66 20.04 -10.19
C5' MTA H . -32.36 19.33 -11.66
C4' MTA H . -32.65 20.48 -12.69
O4' MTA H . -32.57 20.06 -14.08
C2' MTA H . -34.75 20.77 -13.98
O2' MTA H . -35.50 21.96 -14.29
C3' MTA H . -34.11 20.89 -12.61
O3' MTA H . -34.09 22.22 -12.18
C1' MTA H . -33.52 20.83 -14.82
N9 MTA H . -33.66 20.27 -16.15
C8 MTA H . -34.31 19.15 -16.56
N7 MTA H . -34.18 18.93 -17.89
C5 MTA H . -33.43 19.94 -18.38
C6 MTA H . -32.95 20.32 -19.72
N6 MTA H . -33.28 19.58 -20.85
N1 MTA H . -32.20 21.43 -19.78
C2 MTA H . -31.89 22.19 -18.69
N3 MTA H . -32.32 21.93 -17.42
C4 MTA H . -33.09 20.83 -17.23
N AG3 I . -30.35 16.36 -9.68
CA AG3 I . -30.69 14.94 -9.48
CB AG3 I . -31.81 14.76 -8.47
CG AG3 I . -31.69 13.46 -7.74
CD AG3 I . -32.83 12.52 -8.00
NE AG3 I . -33.56 12.46 -6.76
CZ AG3 I . -34.24 11.42 -6.33
NH1 AG3 I . -34.99 11.54 -5.24
NH2 AG3 I . -34.21 10.29 -7.01
C7 AG3 I . -30.89 17.28 -8.69
C8 AG3 I . -29.93 17.59 -7.55
C9 AG3 I . -30.04 19.01 -7.08
N10 AG3 I . -29.09 19.98 -7.60
CS MTA J . 31.34 -19.91 -12.87
S5' MTA J . 29.82 -19.21 -13.51
C5' MTA J . 30.28 -18.41 -15.04
C4' MTA J . 30.46 -19.52 -16.14
O4' MTA J . 30.16 -19.00 -17.41
C2' MTA J . 32.23 -19.82 -17.79
O2' MTA J . 32.94 -20.94 -18.33
C3' MTA J . 31.90 -19.99 -16.32
O3' MTA J . 32.04 -21.36 -15.91
C1' MTA J . 30.84 -19.80 -18.36
N9 MTA J . 30.80 -19.13 -19.66
C8 MTA J . 31.44 -18.00 -20.01
N7 MTA J . 31.18 -17.65 -21.30
C5 MTA J . 30.36 -18.61 -21.78
C6 MTA J . 29.73 -18.89 -23.10
N6 MTA J . 29.95 -18.02 -24.16
N1 MTA J . 28.94 -19.98 -23.16
C2 MTA J . 28.76 -20.82 -22.14
N3 MTA J . 29.36 -20.66 -20.96
C4 MTA J . 30.14 -19.59 -20.73
N AG3 K . 28.74 -15.68 -12.72
CA AG3 K . 29.26 -14.32 -12.46
CB AG3 K . 30.06 -14.18 -11.17
CG AG3 K . 30.36 -12.75 -10.84
CD AG3 K . 31.78 -12.59 -10.41
NE AG3 K . 31.96 -11.17 -10.34
CZ AG3 K . 32.97 -10.57 -9.75
NH1 AG3 K . 33.38 -9.43 -10.26
NH2 AG3 K . 33.61 -11.12 -8.71
C7 AG3 K . 29.28 -16.75 -11.89
C8 AG3 K . 28.56 -16.96 -10.57
C9 AG3 K . 28.77 -18.34 -10.01
N10 AG3 K . 27.77 -19.36 -10.34
CS MTA L . 32.48 10.98 10.62
S5' MTA L . 31.06 10.27 11.42
C5' MTA L . 31.80 9.49 12.83
C4' MTA L . 32.13 10.56 13.93
O4' MTA L . 31.99 10.02 15.25
C2' MTA L . 34.02 10.92 15.35
O2' MTA L . 34.75 12.07 15.74
C3' MTA L . 33.56 11.08 13.91
O3' MTA L . 33.59 12.47 13.57
C1' MTA L . 32.71 10.89 16.09
N9 MTA L . 32.91 10.21 17.37
C8 MTA L . 33.61 9.09 17.64
N7 MTA L . 33.54 8.77 18.95
C5 MTA L . 32.79 9.72 19.53
C6 MTA L . 32.31 9.99 20.89
N6 MTA L . 32.70 9.18 21.92
N1 MTA L . 31.54 11.05 21.08
C2 MTA L . 31.17 11.88 20.07
N3 MTA L . 31.61 11.69 18.82
C4 MTA L . 32.38 10.66 18.51
N AG3 M . 30.45 6.77 10.68
CA AG3 M . 30.60 5.33 10.39
CB AG3 M . 30.93 5.12 8.93
CG AG3 M . 31.41 3.73 8.66
CD AG3 M . 32.79 3.76 8.11
NE AG3 M . 33.01 2.36 8.05
CZ AG3 M . 33.85 1.73 7.25
NH1 AG3 M . 34.15 0.50 7.58
NH2 AG3 M . 34.38 2.32 6.19
C7 AG3 M . 29.46 7.48 9.88
C8 AG3 M . 29.97 7.99 8.53
C9 AG3 M . 29.89 9.49 8.35
N10 AG3 M . 28.57 10.14 8.43
#